data_8ZTD
#
_entry.id   8ZTD
#
_cell.length_a   1.00
_cell.length_b   1.00
_cell.length_c   1.00
_cell.angle_alpha   90.00
_cell.angle_beta   90.00
_cell.angle_gamma   90.00
#
_symmetry.space_group_name_H-M   'P 1'
#
loop_
_entity.id
_entity.type
_entity.pdbx_description
1 polymer 'P2X purinoceptor 1'
2 non-polymer "ADENOSINE-5'-TRIPHOSPHATE"
3 non-polymer 2-acetamido-2-deoxy-beta-D-glucopyranose
4 non-polymer 'MAGNESIUM ION'
5 non-polymer 'CALCIUM ION'
6 water water
#
_entity_poly.entity_id   1
_entity_poly.type   'polypeptide(L)'
_entity_poly.pdbx_seq_one_letter_code
;MARRLQDELSAFFFEYDTPRMVLVRNKKVGVIFRLIQLVVLVYVIGWVFVYEKGYQTSSGLISSVSVKLKGLAVTQLQGL
GPQVWDVADYVFPAHGDSSFVVMTNFIMTPQQAQGHCAENPEGGICQDDSGCTPGKAERKAQGIRTGNCVPFNGTVKTCE
IFGWCPVEVDDKIPSPALLHEAENFTLFIKNSISFPRFKVNRRNLVEEVNGTYMKKCLYHKILHPLCPVFSLGYVVRESG
QDFRSLAEKGGVVGITIDWECDLDWHVRHCKPIYQFHGLYGEKNLSPGFNFRFARHFVQNGTNRRHLFKVFGIRFDILVD
GKAGKFDIIPTMTTIGSGIGIFGVATVLCDLLLLHILPKRHYYKQKKFKYAEDMGPGEGERDPAATSSTLGLQENMRTS
;
_entity_poly.pdbx_strand_id   A,B,C
#
loop_
_chem_comp.id
_chem_comp.type
_chem_comp.name
_chem_comp.formula
ATP non-polymer ADENOSINE-5'-TRIPHOSPHATE 'C10 H16 N5 O13 P3'
CA non-polymer 'CALCIUM ION' 'Ca 2'
MG non-polymer 'MAGNESIUM ION' 'Mg 2'
NAG D-saccharide, beta linking 2-acetamido-2-deoxy-beta-D-glucopyranose 'C8 H15 N O6'
#
# COMPACT_ATOMS: atom_id res chain seq x y z
N ASN A 26 32.72 18.34 -55.15
CA ASN A 26 32.36 17.04 -55.69
C ASN A 26 30.86 16.80 -55.60
N LYS A 27 30.30 16.16 -56.62
CA LYS A 27 28.86 15.93 -56.65
C LYS A 27 28.46 14.81 -55.71
N LYS A 28 29.25 13.74 -55.63
CA LYS A 28 28.89 12.61 -54.78
C LYS A 28 28.93 12.99 -53.30
N VAL A 29 29.89 13.82 -52.91
CA VAL A 29 29.96 14.27 -51.53
C VAL A 29 28.73 15.10 -51.18
N GLY A 30 28.30 15.97 -52.10
CA GLY A 30 27.10 16.75 -51.87
C GLY A 30 25.85 15.88 -51.79
N VAL A 31 25.78 14.86 -52.64
CA VAL A 31 24.64 13.93 -52.59
C VAL A 31 24.60 13.20 -51.27
N ILE A 32 25.76 12.75 -50.79
CA ILE A 32 25.82 12.03 -49.52
C ILE A 32 25.42 12.95 -48.37
N PHE A 33 25.91 14.20 -48.39
CA PHE A 33 25.56 15.14 -47.33
C PHE A 33 24.07 15.46 -47.34
N ARG A 34 23.50 15.65 -48.52
CA ARG A 34 22.06 15.92 -48.61
C ARG A 34 21.24 14.72 -48.14
N LEU A 35 21.68 13.51 -48.49
CA LEU A 35 20.99 12.31 -48.01
C LEU A 35 21.04 12.22 -46.49
N ILE A 36 22.21 12.49 -45.91
CA ILE A 36 22.35 12.40 -44.45
C ILE A 36 21.48 13.45 -43.77
N GLN A 37 21.48 14.67 -44.30
CA GLN A 37 20.70 15.73 -43.67
C GLN A 37 19.21 15.47 -43.81
N LEU A 38 18.78 14.91 -44.95
CA LEU A 38 17.38 14.56 -45.11
C LEU A 38 16.98 13.43 -44.18
N VAL A 39 17.86 12.44 -44.00
CA VAL A 39 17.57 11.34 -43.08
C VAL A 39 17.43 11.85 -41.66
N VAL A 40 18.36 12.70 -41.20
CA VAL A 40 18.29 13.18 -39.83
C VAL A 40 17.11 14.14 -39.65
N LEU A 41 16.73 14.86 -40.72
CA LEU A 41 15.56 15.72 -40.64
C LEU A 41 14.29 14.90 -40.50
N VAL A 42 14.13 13.86 -41.32
CA VAL A 42 12.98 12.97 -41.19
C VAL A 42 12.96 12.33 -39.82
N TYR A 43 14.14 11.99 -39.29
CA TYR A 43 14.21 11.42 -37.95
C TYR A 43 13.69 12.40 -36.90
N VAL A 44 14.26 13.61 -36.84
CA VAL A 44 13.86 14.57 -35.82
C VAL A 44 12.41 15.01 -36.02
N ILE A 45 11.88 14.84 -37.23
CA ILE A 45 10.48 15.20 -37.47
C ILE A 45 9.55 14.11 -36.96
N GLY A 46 9.83 12.85 -37.30
CA GLY A 46 8.92 11.78 -36.97
C GLY A 46 9.16 11.08 -35.65
N TRP A 47 10.38 10.59 -35.42
CA TRP A 47 10.65 9.77 -34.25
C TRP A 47 10.47 10.56 -32.96
N VAL A 48 10.82 11.84 -32.97
CA VAL A 48 10.74 12.65 -31.75
C VAL A 48 9.30 13.03 -31.46
N PHE A 49 8.52 13.33 -32.50
CA PHE A 49 7.17 13.88 -32.32
C PHE A 49 6.10 12.80 -32.24
N VAL A 50 5.99 11.98 -33.29
CA VAL A 50 4.89 11.02 -33.36
C VAL A 50 5.18 9.81 -32.48
N TYR A 51 6.39 9.28 -32.57
CA TYR A 51 6.70 8.04 -31.86
C TYR A 51 6.84 8.26 -30.37
N GLU A 52 7.62 9.26 -29.96
CA GLU A 52 7.91 9.51 -28.56
C GLU A 52 6.90 10.45 -27.90
N LYS A 53 5.94 10.98 -28.67
CA LYS A 53 4.94 11.92 -28.14
C LYS A 53 5.60 13.11 -27.47
N GLY A 54 6.56 13.71 -28.17
CA GLY A 54 7.29 14.84 -27.60
C GLY A 54 6.44 16.08 -27.45
N TYR A 55 5.55 16.32 -28.42
CA TYR A 55 4.70 17.51 -28.35
C TYR A 55 3.67 17.39 -27.24
N GLN A 56 3.35 16.17 -26.83
CA GLN A 56 2.42 15.97 -25.73
C GLN A 56 3.12 16.17 -24.39
N THR A 57 2.32 16.27 -23.33
CA THR A 57 2.80 16.45 -21.98
C THR A 57 2.33 15.28 -21.11
N SER A 58 3.27 14.65 -20.41
CA SER A 58 2.98 13.46 -19.61
C SER A 58 2.89 13.84 -18.14
N SER A 59 1.91 13.29 -17.44
CA SER A 59 1.69 13.55 -16.02
C SER A 59 1.26 12.26 -15.32
N GLY A 60 1.40 12.26 -14.00
CA GLY A 60 0.99 11.11 -13.22
C GLY A 60 -0.49 11.14 -12.86
N LEU A 61 -0.97 10.00 -12.39
CA LEU A 61 -2.36 9.85 -12.01
C LEU A 61 -2.47 9.38 -10.55
N ILE A 62 -3.65 9.56 -9.99
CA ILE A 62 -3.97 9.10 -8.64
C ILE A 62 -4.87 7.88 -8.77
N SER A 63 -4.37 6.72 -8.36
CA SER A 63 -5.05 5.45 -8.57
C SER A 63 -5.61 4.93 -7.25
N SER A 64 -6.83 4.41 -7.29
CA SER A 64 -7.47 3.79 -6.15
C SER A 64 -8.07 2.47 -6.60
N VAL A 65 -7.82 1.41 -5.83
CA VAL A 65 -8.22 0.05 -6.20
C VAL A 65 -9.38 -0.37 -5.32
N SER A 66 -10.46 -0.82 -5.95
CA SER A 66 -11.62 -1.39 -5.27
C SER A 66 -11.93 -2.74 -5.90
N VAL A 67 -11.86 -3.80 -5.09
CA VAL A 67 -12.02 -5.16 -5.56
C VAL A 67 -13.22 -5.79 -4.88
N LYS A 68 -13.92 -6.66 -5.61
CA LYS A 68 -15.06 -7.41 -5.10
C LYS A 68 -15.03 -8.82 -5.66
N LEU A 69 -15.39 -9.79 -4.83
CA LEU A 69 -15.46 -11.19 -5.22
C LEU A 69 -16.82 -11.74 -4.85
N LYS A 70 -17.54 -12.26 -5.84
CA LYS A 70 -18.87 -12.85 -5.63
C LYS A 70 -18.76 -14.35 -5.88
N GLY A 71 -18.89 -15.13 -4.81
CA GLY A 71 -18.79 -16.58 -4.88
C GLY A 71 -18.83 -17.23 -3.53
N LEU A 72 -19.29 -18.47 -3.47
CA LEU A 72 -19.44 -19.19 -2.21
C LEU A 72 -18.65 -20.50 -2.28
N ALA A 73 -17.95 -20.82 -1.19
CA ALA A 73 -17.19 -22.05 -1.07
C ALA A 73 -17.58 -22.75 0.22
N VAL A 74 -17.97 -24.02 0.13
CA VAL A 74 -18.39 -24.81 1.27
C VAL A 74 -17.33 -25.87 1.53
N THR A 75 -16.78 -25.88 2.74
CA THR A 75 -15.75 -26.84 3.13
C THR A 75 -16.28 -27.67 4.29
N GLN A 76 -16.25 -28.99 4.12
CA GLN A 76 -16.73 -29.93 5.14
C GLN A 76 -15.52 -30.69 5.69
N LEU A 77 -15.13 -30.39 6.92
CA LEU A 77 -14.01 -31.06 7.54
C LEU A 77 -14.43 -32.44 8.06
N GLN A 78 -13.42 -33.25 8.39
CA GLN A 78 -13.68 -34.59 8.89
C GLN A 78 -14.24 -34.52 10.31
N GLY A 79 -15.48 -34.99 10.48
CA GLY A 79 -16.11 -34.95 11.78
C GLY A 79 -16.66 -33.61 12.18
N LEU A 80 -16.77 -32.66 11.24
CA LEU A 80 -17.32 -31.34 11.52
C LEU A 80 -18.43 -31.04 10.52
N GLY A 81 -19.30 -30.12 10.92
CA GLY A 81 -20.41 -29.71 10.09
C GLY A 81 -19.96 -28.87 8.90
N PRO A 82 -20.84 -28.70 7.92
CA PRO A 82 -20.49 -27.88 6.76
C PRO A 82 -20.24 -26.43 7.16
N GLN A 83 -19.19 -25.85 6.58
CA GLN A 83 -18.79 -24.48 6.86
C GLN A 83 -19.00 -23.64 5.61
N VAL A 84 -19.73 -22.53 5.76
CA VAL A 84 -20.03 -21.64 4.65
C VAL A 84 -19.06 -20.48 4.68
N TRP A 85 -18.41 -20.22 3.54
CA TRP A 85 -17.45 -19.14 3.39
C TRP A 85 -17.89 -18.24 2.25
N ASP A 86 -18.14 -16.97 2.55
CA ASP A 86 -18.60 -15.99 1.58
C ASP A 86 -17.54 -14.91 1.39
N VAL A 87 -17.93 -13.83 0.70
CA VAL A 87 -16.99 -12.76 0.38
C VAL A 87 -16.35 -12.20 1.64
N ALA A 88 -17.13 -12.10 2.73
CA ALA A 88 -16.59 -11.58 3.98
C ALA A 88 -15.66 -12.56 4.68
N ASP A 89 -15.60 -13.81 4.22
CA ASP A 89 -14.80 -14.85 4.87
C ASP A 89 -13.42 -15.03 4.23
N TYR A 90 -13.38 -15.32 2.92
CA TYR A 90 -12.10 -15.57 2.28
C TYR A 90 -11.36 -14.30 1.91
N VAL A 91 -12.06 -13.17 1.80
CA VAL A 91 -11.42 -11.88 1.57
C VAL A 91 -11.12 -11.28 2.95
N PHE A 92 -9.86 -11.36 3.36
CA PHE A 92 -9.45 -10.88 4.67
C PHE A 92 -9.41 -9.37 4.73
N PRO A 93 -8.84 -8.66 3.72
CA PRO A 93 -8.96 -7.20 3.72
C PRO A 93 -10.39 -6.76 3.42
N ALA A 94 -11.10 -6.30 4.45
CA ALA A 94 -12.50 -5.93 4.29
C ALA A 94 -12.66 -4.55 3.66
N HIS A 95 -11.75 -3.63 3.94
CA HIS A 95 -11.86 -2.28 3.40
C HIS A 95 -11.70 -2.27 1.88
N GLY A 96 -10.99 -3.25 1.32
CA GLY A 96 -10.85 -3.34 -0.12
C GLY A 96 -9.50 -2.86 -0.64
N ASP A 97 -8.43 -3.21 0.08
CA ASP A 97 -7.09 -2.81 -0.32
C ASP A 97 -6.70 -3.52 -1.62
N SER A 98 -5.73 -2.92 -2.33
CA SER A 98 -5.24 -3.52 -3.57
C SER A 98 -4.59 -4.87 -3.31
N SER A 99 -3.88 -5.00 -2.18
CA SER A 99 -3.23 -6.25 -1.81
C SER A 99 -4.19 -7.05 -0.94
N PHE A 100 -4.73 -8.14 -1.48
CA PHE A 100 -5.67 -8.99 -0.76
C PHE A 100 -5.33 -10.45 -1.00
N VAL A 101 -5.71 -11.29 -0.05
CA VAL A 101 -5.46 -12.72 -0.11
C VAL A 101 -6.81 -13.44 -0.19
N VAL A 102 -6.92 -14.38 -1.13
CA VAL A 102 -8.13 -15.18 -1.31
C VAL A 102 -7.88 -16.55 -0.70
N MET A 103 -8.65 -16.88 0.33
CA MET A 103 -8.47 -18.15 1.03
C MET A 103 -8.82 -19.32 0.12
N THR A 104 -7.91 -20.29 0.03
CA THR A 104 -8.12 -21.51 -0.75
C THR A 104 -7.92 -22.78 0.04
N ASN A 105 -7.12 -22.75 1.10
CA ASN A 105 -6.88 -23.92 1.94
C ASN A 105 -6.45 -23.45 3.32
N PHE A 106 -7.02 -24.07 4.36
CA PHE A 106 -6.75 -23.66 5.73
C PHE A 106 -6.77 -24.88 6.64
N ILE A 107 -6.19 -24.71 7.82
CA ILE A 107 -6.19 -25.72 8.88
C ILE A 107 -6.88 -25.11 10.10
N MET A 108 -7.89 -25.80 10.61
CA MET A 108 -8.73 -25.27 11.68
C MET A 108 -8.39 -25.96 13.00
N THR A 109 -7.91 -25.18 13.97
CA THR A 109 -7.70 -25.66 15.32
C THR A 109 -8.59 -24.86 16.27
N PRO A 110 -9.80 -25.34 16.58
CA PRO A 110 -10.73 -24.52 17.37
C PRO A 110 -10.63 -24.76 18.86
N GLN A 111 -11.33 -23.95 19.64
CA GLN A 111 -11.40 -24.08 21.09
C GLN A 111 -10.02 -23.97 21.74
N GLN A 112 -9.31 -22.90 21.38
CA GLN A 112 -7.99 -22.67 21.95
C GLN A 112 -8.18 -21.72 23.11
N ALA A 113 -7.70 -22.12 24.28
CA ALA A 113 -7.78 -21.25 25.45
C ALA A 113 -6.42 -21.33 26.12
N GLN A 114 -5.95 -20.23 26.71
CA GLN A 114 -4.62 -20.23 27.29
C GLN A 114 -4.58 -21.25 28.42
N GLY A 115 -3.58 -22.11 28.42
CA GLY A 115 -3.49 -23.15 29.42
C GLY A 115 -2.12 -23.79 29.47
N HIS A 116 -1.89 -24.61 30.48
CA HIS A 116 -0.62 -25.33 30.53
C HIS A 116 -0.82 -26.65 29.79
N CYS A 117 -0.05 -26.85 28.72
CA CYS A 117 -0.21 -28.06 27.92
C CYS A 117 1.04 -28.41 27.13
N ALA A 118 1.05 -29.60 26.55
CA ALA A 118 2.21 -30.05 25.78
C ALA A 118 2.47 -29.18 24.56
N GLU A 119 3.74 -28.87 24.30
CA GLU A 119 4.11 -28.06 23.14
C GLU A 119 4.14 -28.90 21.87
N ASN A 120 4.19 -28.24 20.72
CA ASN A 120 4.30 -28.98 19.47
C ASN A 120 5.61 -29.80 19.40
N PRO A 121 5.57 -31.05 18.88
CA PRO A 121 6.82 -31.83 18.90
C PRO A 121 7.92 -31.23 18.05
N GLU A 122 7.61 -30.33 17.12
CA GLU A 122 8.65 -29.72 16.30
C GLU A 122 9.53 -28.80 17.12
N GLY A 123 9.00 -28.22 18.19
CA GLY A 123 9.80 -27.32 19.01
C GLY A 123 10.89 -28.05 19.78
N GLY A 124 10.52 -29.13 20.46
CA GLY A 124 11.47 -29.90 21.23
C GLY A 124 10.92 -31.21 21.74
N ILE A 125 11.80 -32.19 21.92
CA ILE A 125 11.43 -33.52 22.42
C ILE A 125 12.24 -33.79 23.68
N CYS A 126 11.54 -34.16 24.76
CA CYS A 126 12.17 -34.43 26.05
C CYS A 126 11.91 -35.87 26.45
N GLN A 127 12.93 -36.51 27.03
CA GLN A 127 12.79 -37.87 27.52
C GLN A 127 12.49 -37.92 29.01
N ASP A 128 12.94 -36.92 29.77
CA ASP A 128 12.68 -36.85 31.21
C ASP A 128 12.35 -35.41 31.58
N ASP A 129 11.88 -35.24 32.82
CA ASP A 129 11.51 -33.90 33.29
C ASP A 129 12.72 -33.02 33.50
N SER A 130 13.89 -33.62 33.76
CA SER A 130 15.10 -32.83 33.98
C SER A 130 15.60 -32.15 32.71
N GLY A 131 15.19 -32.65 31.54
CA GLY A 131 15.64 -32.04 30.29
C GLY A 131 15.03 -30.67 30.06
N CYS A 132 13.77 -30.50 30.40
CA CYS A 132 13.10 -29.21 30.20
C CYS A 132 13.63 -28.18 31.18
N THR A 133 13.82 -26.96 30.70
CA THR A 133 14.33 -25.87 31.50
C THR A 133 13.29 -24.75 31.58
N PRO A 134 13.01 -24.22 32.76
CA PRO A 134 12.03 -23.12 32.86
C PRO A 134 12.53 -21.87 32.15
N GLY A 135 11.68 -21.29 31.32
CA GLY A 135 12.01 -20.10 30.58
C GLY A 135 11.25 -20.06 29.27
N LYS A 136 11.78 -19.28 28.34
CA LYS A 136 11.20 -19.11 27.02
C LYS A 136 12.22 -19.49 25.95
N ALA A 137 11.74 -20.11 24.88
CA ALA A 137 12.63 -20.48 23.78
C ALA A 137 13.14 -19.24 23.05
N GLU A 138 14.36 -19.34 22.54
CA GLU A 138 14.96 -18.21 21.84
C GLU A 138 14.27 -17.95 20.50
N ARG A 139 14.08 -19.01 19.71
CA ARG A 139 13.44 -18.90 18.41
C ARG A 139 12.26 -19.87 18.35
N LYS A 140 11.20 -19.44 17.66
CA LYS A 140 9.98 -20.25 17.50
C LYS A 140 9.40 -20.64 18.87
N ALA A 141 9.37 -19.68 19.80
CA ALA A 141 8.85 -19.93 21.13
C ALA A 141 7.34 -20.15 21.08
N GLN A 142 6.90 -21.29 21.60
CA GLN A 142 5.48 -21.64 21.62
C GLN A 142 4.84 -21.35 22.97
N GLY A 143 5.61 -20.96 23.98
CA GLY A 143 5.04 -20.66 25.27
C GLY A 143 6.14 -20.52 26.31
N ILE A 144 5.71 -20.35 27.56
CA ILE A 144 6.62 -20.23 28.68
C ILE A 144 6.83 -21.63 29.27
N ARG A 145 8.03 -22.16 29.11
CA ARG A 145 8.33 -23.51 29.60
C ARG A 145 8.30 -23.54 31.12
N THR A 146 7.60 -24.52 31.68
CA THR A 146 7.49 -24.68 33.12
C THR A 146 8.56 -25.59 33.69
N GLY A 147 9.20 -26.41 32.86
CA GLY A 147 10.22 -27.33 33.32
C GLY A 147 9.76 -28.75 33.54
N ASN A 148 8.58 -29.12 33.03
CA ASN A 148 8.05 -30.46 33.17
C ASN A 148 7.87 -31.08 31.79
N CYS A 149 8.22 -32.35 31.67
CA CYS A 149 8.11 -33.09 30.41
C CYS A 149 6.82 -33.91 30.44
N VAL A 150 5.83 -33.49 29.66
CA VAL A 150 4.53 -34.15 29.62
C VAL A 150 4.40 -34.90 28.30
N PRO A 151 3.70 -36.03 28.27
CA PRO A 151 3.56 -36.78 27.01
C PRO A 151 2.59 -36.08 26.06
N PHE A 152 3.09 -35.71 24.88
CA PHE A 152 2.22 -35.15 23.85
C PHE A 152 1.24 -36.20 23.34
N ASN A 153 1.73 -37.42 23.11
CA ASN A 153 0.88 -38.55 22.76
C ASN A 153 1.54 -39.82 23.28
N GLY A 154 1.13 -40.96 22.74
CA GLY A 154 1.63 -42.24 23.25
C GLY A 154 3.10 -42.47 23.01
N THR A 155 3.66 -41.88 21.96
CA THR A 155 5.04 -42.16 21.58
C THR A 155 6.02 -41.13 22.14
N VAL A 156 5.83 -39.85 21.80
CA VAL A 156 6.79 -38.81 22.14
C VAL A 156 6.22 -37.93 23.24
N LYS A 157 7.12 -37.21 23.91
CA LYS A 157 6.77 -36.30 24.99
C LYS A 157 7.39 -34.93 24.71
N THR A 158 6.67 -33.88 25.09
CA THR A 158 7.12 -32.51 24.88
C THR A 158 7.08 -31.75 26.20
N CYS A 159 7.89 -30.69 26.28
CA CYS A 159 7.95 -29.88 27.48
C CYS A 159 6.67 -29.06 27.63
N GLU A 160 6.15 -29.01 28.85
CA GLU A 160 4.93 -28.28 29.12
C GLU A 160 5.18 -26.78 29.08
N ILE A 161 4.33 -26.05 28.36
CA ILE A 161 4.47 -24.62 28.23
C ILE A 161 3.15 -23.95 28.58
N PHE A 162 3.14 -22.63 28.65
CA PHE A 162 1.90 -21.90 28.92
C PHE A 162 1.62 -21.02 27.72
N GLY A 163 0.64 -21.43 26.92
CA GLY A 163 0.28 -20.66 25.74
C GLY A 163 -1.11 -21.09 25.35
N TRP A 164 -1.54 -20.77 24.13
CA TRP A 164 -2.83 -21.21 23.68
C TRP A 164 -2.83 -22.71 23.44
N CYS A 165 -3.82 -23.41 23.98
CA CYS A 165 -3.90 -24.86 23.82
C CYS A 165 -5.28 -25.26 23.30
N PRO A 166 -5.32 -26.09 22.24
CA PRO A 166 -4.26 -26.99 21.80
C PRO A 166 -3.33 -26.38 20.77
N VAL A 167 -2.06 -26.79 20.81
CA VAL A 167 -1.08 -26.27 19.86
C VAL A 167 -1.44 -26.72 18.46
N GLU A 168 -1.50 -25.77 17.54
CA GLU A 168 -1.87 -26.11 16.17
C GLU A 168 -0.80 -27.00 15.57
N VAL A 169 -1.22 -28.11 14.96
CA VAL A 169 -0.27 -28.98 14.27
C VAL A 169 -0.47 -28.76 12.79
N ASP A 170 0.51 -28.16 12.13
CA ASP A 170 0.37 -27.82 10.72
C ASP A 170 0.97 -28.82 9.74
N ASP A 171 1.44 -29.97 10.24
CA ASP A 171 2.12 -30.92 9.36
C ASP A 171 1.28 -31.50 8.22
N LYS A 172 0.02 -31.81 8.48
CA LYS A 172 -0.82 -32.42 7.45
C LYS A 172 -1.61 -31.39 6.67
N ILE A 173 -1.25 -31.19 5.40
CA ILE A 173 -1.98 -30.25 4.57
C ILE A 173 -2.73 -31.08 3.54
N PRO A 174 -4.05 -30.90 3.45
CA PRO A 174 -4.84 -31.73 2.53
C PRO A 174 -4.40 -31.54 1.09
N SER A 175 -4.03 -32.60 0.36
CA SER A 175 -3.68 -32.36 -1.03
C SER A 175 -4.82 -31.73 -1.83
N PRO A 176 -6.07 -32.20 -1.75
CA PRO A 176 -7.16 -31.48 -2.42
C PRO A 176 -7.47 -30.20 -1.66
N ALA A 177 -7.55 -29.09 -2.41
CA ALA A 177 -7.84 -27.80 -1.81
C ALA A 177 -9.26 -27.78 -1.24
N LEU A 178 -9.40 -27.23 -0.03
CA LEU A 178 -10.72 -27.16 0.60
C LEU A 178 -11.63 -26.23 -0.17
N LEU A 179 -11.17 -25.02 -0.46
CA LEU A 179 -11.93 -24.05 -1.26
C LEU A 179 -11.57 -24.16 -2.73
N HIS A 180 -11.68 -25.38 -3.29
CA HIS A 180 -11.36 -25.59 -4.68
C HIS A 180 -12.40 -24.98 -5.62
N GLU A 181 -13.60 -24.68 -5.11
CA GLU A 181 -14.62 -24.04 -5.95
C GLU A 181 -14.28 -22.60 -6.26
N ALA A 182 -13.32 -22.00 -5.56
CA ALA A 182 -12.92 -20.62 -5.79
C ALA A 182 -12.08 -20.43 -7.04
N GLU A 183 -11.91 -21.46 -7.86
CA GLU A 183 -11.12 -21.33 -9.08
C GLU A 183 -11.82 -20.44 -10.09
N ASN A 184 -13.08 -20.73 -10.40
CA ASN A 184 -13.84 -20.02 -11.43
C ASN A 184 -14.78 -18.97 -10.82
N PHE A 185 -14.36 -18.33 -9.73
CA PHE A 185 -15.15 -17.25 -9.16
C PHE A 185 -15.05 -16.00 -10.03
N THR A 186 -15.76 -14.96 -9.63
CA THR A 186 -15.80 -13.70 -10.35
C THR A 186 -15.14 -12.61 -9.51
N LEU A 187 -14.17 -11.91 -10.11
CA LEU A 187 -13.46 -10.83 -9.46
C LEU A 187 -13.69 -9.54 -10.22
N PHE A 188 -14.26 -8.54 -9.56
CA PHE A 188 -14.51 -7.23 -10.14
C PHE A 188 -13.56 -6.22 -9.52
N ILE A 189 -12.76 -5.56 -10.37
CA ILE A 189 -11.79 -4.57 -9.94
C ILE A 189 -12.27 -3.20 -10.42
N LYS A 190 -12.48 -2.28 -9.47
CA LYS A 190 -12.91 -0.92 -9.76
C LYS A 190 -11.71 0.00 -9.61
N ASN A 191 -11.26 0.57 -10.72
CA ASN A 191 -10.09 1.45 -10.75
C ASN A 191 -10.50 2.81 -11.29
N SER A 192 -10.28 3.85 -10.48
CA SER A 192 -10.57 5.22 -10.86
C SER A 192 -9.29 6.04 -10.78
N ILE A 193 -8.85 6.58 -11.92
CA ILE A 193 -7.63 7.36 -12.01
C ILE A 193 -7.98 8.75 -12.52
N SER A 194 -7.25 9.75 -12.03
CA SER A 194 -7.45 11.14 -12.42
C SER A 194 -6.12 11.85 -12.52
N PHE A 195 -5.99 12.71 -13.54
CA PHE A 195 -4.77 13.48 -13.75
C PHE A 195 -4.98 14.88 -13.24
N PRO A 196 -4.19 15.35 -12.26
CA PRO A 196 -4.47 16.67 -11.68
C PRO A 196 -4.12 17.83 -12.60
N ARG A 197 -3.06 17.69 -13.41
CA ARG A 197 -2.63 18.80 -14.25
C ARG A 197 -3.62 19.05 -15.39
N PHE A 198 -4.23 18.00 -15.92
CA PHE A 198 -5.18 18.12 -17.02
C PHE A 198 -6.63 18.09 -16.56
N LYS A 199 -6.89 17.77 -15.30
CA LYS A 199 -8.24 17.76 -14.73
C LYS A 199 -9.17 16.83 -15.51
N VAL A 200 -8.70 15.60 -15.74
CA VAL A 200 -9.46 14.58 -16.45
C VAL A 200 -9.53 13.34 -15.57
N ASN A 201 -10.74 12.85 -15.34
CA ASN A 201 -10.97 11.67 -14.52
C ASN A 201 -11.47 10.53 -15.39
N ARG A 202 -10.86 9.36 -15.22
CA ARG A 202 -11.23 8.17 -15.97
C ARG A 202 -11.41 6.99 -15.03
N ARG A 203 -12.33 6.10 -15.38
CA ARG A 203 -12.63 4.92 -14.60
C ARG A 203 -12.49 3.68 -15.47
N ASN A 204 -12.27 2.54 -14.82
CA ASN A 204 -12.13 1.28 -15.56
C ASN A 204 -13.38 0.96 -16.36
N LEU A 205 -14.54 1.40 -15.90
CA LEU A 205 -15.79 1.23 -16.64
C LEU A 205 -15.83 2.26 -17.76
N VAL A 206 -15.74 1.80 -19.00
CA VAL A 206 -15.68 2.68 -20.15
C VAL A 206 -17.07 2.79 -20.77
N GLU A 207 -17.21 3.72 -21.72
CA GLU A 207 -18.50 3.92 -22.38
C GLU A 207 -18.93 2.69 -23.15
N GLU A 208 -17.97 1.88 -23.62
CA GLU A 208 -18.32 0.67 -24.34
C GLU A 208 -18.98 -0.35 -23.42
N VAL A 209 -18.56 -0.39 -22.16
CA VAL A 209 -19.16 -1.30 -21.19
C VAL A 209 -20.42 -0.67 -20.62
N ASN A 210 -21.51 -1.44 -20.59
CA ASN A 210 -22.79 -0.97 -20.10
C ASN A 210 -23.24 -1.89 -18.95
N GLY A 211 -24.46 -1.63 -18.46
CA GLY A 211 -24.98 -2.42 -17.36
C GLY A 211 -25.26 -3.86 -17.75
N THR A 212 -25.81 -4.07 -18.94
CA THR A 212 -26.11 -5.43 -19.39
C THR A 212 -24.84 -6.21 -19.72
N TYR A 213 -23.76 -5.51 -20.05
CA TYR A 213 -22.51 -6.19 -20.39
C TYR A 213 -21.85 -6.78 -19.16
N MET A 214 -21.92 -6.06 -18.03
CA MET A 214 -21.31 -6.56 -16.80
C MET A 214 -22.10 -7.71 -16.18
N LYS A 215 -23.30 -7.98 -16.67
CA LYS A 215 -24.11 -9.06 -16.10
C LYS A 215 -23.50 -10.42 -16.41
N LYS A 216 -23.19 -10.68 -17.68
CA LYS A 216 -22.65 -11.96 -18.13
C LYS A 216 -21.44 -11.70 -19.03
N CYS A 217 -20.25 -11.64 -18.42
CA CYS A 217 -19.03 -11.53 -19.20
C CYS A 217 -17.87 -12.02 -18.34
N LEU A 218 -16.86 -12.57 -19.00
CA LEU A 218 -15.62 -13.01 -18.37
C LEU A 218 -14.44 -12.39 -19.09
N TYR A 219 -13.47 -11.90 -18.33
CA TYR A 219 -12.32 -11.23 -18.92
C TYR A 219 -11.50 -12.20 -19.77
N HIS A 220 -11.13 -11.75 -20.96
CA HIS A 220 -10.28 -12.52 -21.86
C HIS A 220 -9.30 -11.59 -22.55
N LYS A 221 -8.15 -12.13 -22.94
CA LYS A 221 -7.12 -11.31 -23.57
C LYS A 221 -7.53 -10.86 -24.97
N ILE A 222 -8.43 -11.60 -25.63
CA ILE A 222 -8.87 -11.30 -26.99
C ILE A 222 -10.36 -11.06 -27.06
N LEU A 223 -11.17 -11.90 -26.42
CA LEU A 223 -12.61 -11.82 -26.55
C LEU A 223 -13.17 -10.61 -25.82
N HIS A 224 -12.98 -10.55 -24.50
CA HIS A 224 -13.53 -9.50 -23.64
C HIS A 224 -12.41 -8.81 -22.90
N PRO A 225 -11.73 -7.85 -23.55
CA PRO A 225 -10.67 -7.11 -22.84
C PRO A 225 -11.22 -6.05 -21.90
N LEU A 226 -12.43 -5.55 -22.14
CA LEU A 226 -13.00 -4.48 -21.33
C LEU A 226 -13.94 -4.98 -20.24
N CYS A 227 -14.23 -6.28 -20.21
CA CYS A 227 -15.11 -6.83 -19.18
C CYS A 227 -14.43 -6.74 -17.82
N PRO A 228 -15.00 -6.01 -16.85
CA PRO A 228 -14.35 -5.87 -15.54
C PRO A 228 -14.50 -7.08 -14.63
N VAL A 229 -15.09 -8.17 -15.11
CA VAL A 229 -15.25 -9.38 -14.32
C VAL A 229 -14.10 -10.31 -14.64
N PHE A 230 -13.24 -10.56 -13.66
CA PHE A 230 -12.07 -11.39 -13.81
C PHE A 230 -12.28 -12.73 -13.13
N SER A 231 -11.89 -13.81 -13.81
CA SER A 231 -11.94 -15.13 -13.22
C SER A 231 -10.62 -15.46 -12.55
N LEU A 232 -10.68 -15.90 -11.28
CA LEU A 232 -9.45 -16.17 -10.54
C LEU A 232 -8.62 -17.26 -11.22
N GLY A 233 -9.27 -18.34 -11.65
CA GLY A 233 -8.54 -19.38 -12.36
C GLY A 233 -7.95 -18.87 -13.66
N TYR A 234 -8.67 -18.01 -14.37
CA TYR A 234 -8.14 -17.43 -15.60
C TYR A 234 -6.94 -16.54 -15.32
N VAL A 235 -6.99 -15.75 -14.24
CA VAL A 235 -5.86 -14.90 -13.88
C VAL A 235 -4.65 -15.74 -13.51
N VAL A 236 -4.87 -16.84 -12.79
CA VAL A 236 -3.76 -17.70 -12.39
C VAL A 236 -3.16 -18.40 -13.59
N ARG A 237 -4.00 -18.85 -14.52
CA ARG A 237 -3.50 -19.58 -15.69
C ARG A 237 -2.80 -18.65 -16.68
N GLU A 238 -3.27 -17.39 -16.79
CA GLU A 238 -2.61 -16.45 -17.69
C GLU A 238 -1.21 -16.10 -17.21
N SER A 239 -0.99 -16.11 -15.88
CA SER A 239 0.34 -15.82 -15.35
C SER A 239 1.32 -16.96 -15.57
N GLY A 240 0.82 -18.17 -15.83
CA GLY A 240 1.67 -19.33 -16.03
C GLY A 240 1.73 -20.31 -14.88
N GLN A 241 0.70 -20.37 -14.04
CA GLN A 241 0.68 -21.24 -12.88
C GLN A 241 -0.61 -22.06 -12.86
N ASP A 242 -0.50 -23.30 -12.38
CA ASP A 242 -1.66 -24.15 -12.19
C ASP A 242 -2.37 -23.77 -10.90
N PHE A 243 -3.70 -23.68 -10.99
CA PHE A 243 -4.47 -23.21 -9.83
C PHE A 243 -4.49 -24.22 -8.70
N ARG A 244 -4.48 -25.51 -9.03
CA ARG A 244 -4.56 -26.54 -7.99
C ARG A 244 -3.31 -26.54 -7.11
N SER A 245 -2.13 -26.58 -7.74
CA SER A 245 -0.88 -26.56 -6.98
C SER A 245 -0.67 -25.23 -6.28
N LEU A 246 -1.11 -24.12 -6.89
CA LEU A 246 -0.96 -22.82 -6.27
C LEU A 246 -1.92 -22.64 -5.10
N ALA A 247 -3.02 -23.37 -5.09
CA ALA A 247 -4.01 -23.24 -4.02
C ALA A 247 -3.76 -24.20 -2.88
N GLU A 248 -3.21 -25.38 -3.18
CA GLU A 248 -2.96 -26.37 -2.14
C GLU A 248 -1.84 -25.95 -1.19
N LYS A 249 -0.93 -25.07 -1.64
CA LYS A 249 0.19 -24.64 -0.83
C LYS A 249 0.34 -23.13 -0.70
N GLY A 250 -0.33 -22.35 -1.55
CA GLY A 250 -0.22 -20.91 -1.51
C GLY A 250 0.60 -20.38 -2.68
N GLY A 251 0.46 -19.08 -2.91
CA GLY A 251 1.18 -18.44 -3.99
C GLY A 251 0.87 -16.95 -4.04
N VAL A 252 1.54 -16.28 -4.97
CA VAL A 252 1.38 -14.85 -5.17
C VAL A 252 1.16 -14.59 -6.66
N VAL A 253 0.14 -13.80 -6.98
CA VAL A 253 -0.17 -13.41 -8.36
C VAL A 253 -0.23 -11.89 -8.42
N GLY A 254 0.50 -11.31 -9.36
CA GLY A 254 0.57 -9.87 -9.54
C GLY A 254 -0.24 -9.43 -10.74
N ILE A 255 -1.13 -8.47 -10.51
CA ILE A 255 -1.98 -7.90 -11.54
C ILE A 255 -1.63 -6.43 -11.70
N THR A 256 -1.33 -6.01 -12.93
CA THR A 256 -0.98 -4.64 -13.23
C THR A 256 -1.96 -4.06 -14.24
N ILE A 257 -2.33 -2.80 -14.04
CA ILE A 257 -3.26 -2.08 -14.90
C ILE A 257 -2.51 -0.92 -15.53
N ASP A 258 -2.33 -0.97 -16.85
CA ASP A 258 -1.63 0.07 -17.59
C ASP A 258 -2.66 1.00 -18.22
N TRP A 259 -2.75 2.23 -17.69
CA TRP A 259 -3.71 3.21 -18.18
C TRP A 259 -3.06 4.11 -19.23
N GLU A 260 -2.84 3.53 -20.41
CA GLU A 260 -2.33 4.29 -21.54
C GLU A 260 -3.44 5.20 -22.08
N CYS A 261 -3.31 6.50 -21.82
CA CYS A 261 -4.36 7.46 -22.13
C CYS A 261 -3.80 8.53 -23.06
N ASP A 262 -4.57 8.88 -24.08
CA ASP A 262 -4.19 9.91 -25.05
C ASP A 262 -5.29 10.97 -25.08
N LEU A 263 -4.97 12.16 -24.59
CA LEU A 263 -5.94 13.25 -24.52
C LEU A 263 -6.14 13.95 -25.86
N ASP A 264 -5.29 13.67 -26.86
CA ASP A 264 -5.47 14.28 -28.17
C ASP A 264 -6.73 13.74 -28.85
N TRP A 265 -7.00 12.45 -28.69
CA TRP A 265 -8.21 11.85 -29.23
C TRP A 265 -9.35 11.97 -28.21
N HIS A 266 -10.47 11.34 -28.51
CA HIS A 266 -11.61 11.34 -27.60
C HIS A 266 -11.31 10.43 -26.40
N VAL A 267 -12.08 10.65 -25.32
CA VAL A 267 -11.89 9.86 -24.11
C VAL A 267 -12.31 8.41 -24.28
N ARG A 268 -13.08 8.10 -25.35
CA ARG A 268 -13.50 6.73 -25.57
C ARG A 268 -12.36 5.86 -26.06
N HIS A 269 -11.37 6.49 -26.69
CA HIS A 269 -10.22 5.75 -27.21
C HIS A 269 -9.28 5.44 -26.06
N CYS A 270 -9.27 6.29 -25.03
CA CYS A 270 -8.45 5.99 -23.87
C CYS A 270 -9.04 4.75 -23.26
N LYS A 271 -8.21 3.75 -22.96
CA LYS A 271 -8.72 2.50 -22.45
C LYS A 271 -7.75 1.81 -21.48
N PRO A 272 -8.27 1.16 -20.40
CA PRO A 272 -7.28 0.48 -19.56
C PRO A 272 -6.90 -0.89 -20.12
N ILE A 273 -5.64 -1.26 -19.87
CA ILE A 273 -5.10 -2.55 -20.30
C ILE A 273 -4.66 -3.31 -19.05
N TYR A 274 -5.07 -4.57 -18.96
CA TYR A 274 -4.79 -5.40 -17.80
C TYR A 274 -3.73 -6.43 -18.16
N GLN A 275 -2.71 -6.56 -17.31
CA GLN A 275 -1.65 -7.53 -17.47
C GLN A 275 -1.57 -8.41 -16.23
N PHE A 276 -1.44 -9.72 -16.45
CA PHE A 276 -1.37 -10.69 -15.37
C PHE A 276 0.05 -11.25 -15.27
N HIS A 277 0.60 -11.23 -14.06
CA HIS A 277 1.95 -11.71 -13.83
C HIS A 277 1.96 -12.65 -12.63
N GLY A 278 2.89 -13.60 -12.64
CA GLY A 278 2.98 -14.57 -11.57
C GLY A 278 4.27 -14.48 -10.77
N LEU A 279 4.15 -14.41 -9.45
CA LEU A 279 5.30 -14.36 -8.55
C LEU A 279 5.42 -15.71 -7.85
N TYR A 280 6.47 -16.45 -8.20
CA TYR A 280 6.70 -17.77 -7.63
C TYR A 280 8.18 -17.95 -7.32
N GLY A 281 8.46 -18.93 -6.46
CA GLY A 281 9.82 -19.24 -6.09
C GLY A 281 10.10 -20.73 -6.02
N GLU A 282 11.20 -21.11 -5.39
CA GLU A 282 11.54 -22.52 -5.27
C GLU A 282 10.59 -23.21 -4.30
N LYS A 283 10.05 -24.35 -4.74
CA LYS A 283 9.12 -25.11 -3.89
C LYS A 283 9.82 -25.86 -2.78
N ASN A 284 11.13 -26.06 -2.88
CA ASN A 284 11.85 -26.81 -1.85
C ASN A 284 12.02 -25.97 -0.57
N LEU A 285 12.17 -24.65 -0.73
CA LEU A 285 12.37 -23.74 0.39
C LEU A 285 11.17 -22.80 0.47
N SER A 286 10.44 -22.86 1.59
CA SER A 286 9.26 -22.04 1.85
C SER A 286 8.25 -22.16 0.72
N PRO A 287 7.58 -23.30 0.56
CA PRO A 287 6.63 -23.47 -0.55
C PRO A 287 5.35 -22.69 -0.28
N GLY A 288 4.95 -21.87 -1.25
CA GLY A 288 3.70 -21.16 -1.16
C GLY A 288 3.72 -20.02 -0.16
N PHE A 289 2.53 -19.45 0.04
CA PHE A 289 2.31 -18.33 0.95
C PHE A 289 1.28 -18.72 1.99
N ASN A 290 1.55 -18.41 3.25
CA ASN A 290 0.65 -18.75 4.34
C ASN A 290 0.77 -17.72 5.45
N PHE A 291 -0.26 -17.66 6.29
CA PHE A 291 -0.28 -16.76 7.43
C PHE A 291 -1.19 -17.35 8.50
N ARG A 292 -1.23 -16.69 9.65
CA ARG A 292 -2.01 -17.15 10.80
C ARG A 292 -2.85 -16.00 11.34
N PHE A 293 -4.14 -16.24 11.49
CA PHE A 293 -5.06 -15.28 12.09
C PHE A 293 -6.02 -16.00 13.00
N ALA A 294 -6.55 -15.27 13.99
CA ALA A 294 -7.44 -15.85 14.98
C ALA A 294 -8.64 -14.93 15.21
N ARG A 295 -9.79 -15.52 15.52
CA ARG A 295 -11.01 -14.80 15.81
C ARG A 295 -11.31 -14.92 17.29
N HIS A 296 -11.17 -13.82 18.03
CA HIS A 296 -11.35 -13.81 19.47
C HIS A 296 -12.84 -13.69 19.81
N PHE A 297 -13.31 -14.55 20.71
CA PHE A 297 -14.69 -14.54 21.16
C PHE A 297 -14.76 -14.98 22.61
N VAL A 298 -15.92 -14.77 23.22
CA VAL A 298 -16.16 -15.14 24.61
C VAL A 298 -17.30 -16.15 24.63
N GLN A 299 -17.01 -17.36 25.09
CA GLN A 299 -18.00 -18.44 25.19
C GLN A 299 -17.99 -18.99 26.60
N ASN A 300 -19.16 -18.98 27.25
CA ASN A 300 -19.32 -19.49 28.61
C ASN A 300 -18.40 -18.75 29.59
N GLY A 301 -18.21 -17.46 29.36
CA GLY A 301 -17.37 -16.66 30.23
C GLY A 301 -15.89 -16.92 30.12
N THR A 302 -15.45 -17.66 29.10
CA THR A 302 -14.05 -17.99 28.91
C THR A 302 -13.60 -17.47 27.56
N ASN A 303 -12.48 -16.75 27.54
CA ASN A 303 -11.95 -16.21 26.30
C ASN A 303 -11.35 -17.33 25.45
N ARG A 304 -11.94 -17.57 24.28
CA ARG A 304 -11.49 -18.60 23.36
C ARG A 304 -11.30 -18.00 21.98
N ARG A 305 -10.57 -18.72 21.13
CA ARG A 305 -10.29 -18.25 19.79
C ARG A 305 -10.19 -19.45 18.85
N HIS A 306 -10.23 -19.15 17.54
CA HIS A 306 -10.10 -20.15 16.49
C HIS A 306 -8.96 -19.72 15.57
N LEU A 307 -7.85 -20.45 15.60
CA LEU A 307 -6.68 -20.13 14.79
C LEU A 307 -6.78 -20.85 13.45
N PHE A 308 -6.40 -20.15 12.38
CA PHE A 308 -6.43 -20.69 11.03
C PHE A 308 -5.11 -20.40 10.34
N LYS A 309 -4.50 -21.42 9.77
CA LYS A 309 -3.32 -21.27 8.92
C LYS A 309 -3.79 -21.33 7.47
N VAL A 310 -4.02 -20.16 6.89
CA VAL A 310 -4.65 -20.03 5.58
C VAL A 310 -3.57 -20.07 4.50
N PHE A 311 -3.71 -20.99 3.55
CA PHE A 311 -2.84 -21.05 2.37
C PHE A 311 -3.62 -20.41 1.23
N GLY A 312 -3.44 -19.11 1.03
CA GLY A 312 -4.21 -18.37 0.05
C GLY A 312 -3.30 -17.71 -0.97
N ILE A 313 -3.91 -17.36 -2.10
CA ILE A 313 -3.19 -16.72 -3.19
C ILE A 313 -3.16 -15.21 -2.96
N ARG A 314 -1.96 -14.64 -3.03
CA ARG A 314 -1.77 -13.21 -2.80
C ARG A 314 -1.96 -12.46 -4.12
N PHE A 315 -2.89 -11.51 -4.13
CA PHE A 315 -3.18 -10.69 -5.30
C PHE A 315 -2.78 -9.25 -5.01
N ASP A 316 -1.94 -8.69 -5.87
CA ASP A 316 -1.49 -7.30 -5.74
C ASP A 316 -1.88 -6.53 -7.00
N ILE A 317 -2.48 -5.36 -6.81
CA ILE A 317 -2.93 -4.51 -7.89
C ILE A 317 -2.02 -3.29 -7.96
N LEU A 318 -1.40 -3.07 -9.11
CA LEU A 318 -0.52 -1.94 -9.34
C LEU A 318 -0.99 -1.21 -10.59
N VAL A 319 -1.33 0.06 -10.45
CA VAL A 319 -1.86 0.88 -11.54
C VAL A 319 -0.83 1.95 -11.87
N ASP A 320 -0.43 2.01 -13.14
CA ASP A 320 0.51 3.02 -13.63
C ASP A 320 0.10 3.40 -15.04
N GLY A 321 -0.12 4.70 -15.26
CA GLY A 321 -0.55 5.17 -16.56
C GLY A 321 -0.07 6.58 -16.81
N LYS A 322 -0.02 6.94 -18.09
CA LYS A 322 0.43 8.25 -18.53
C LYS A 322 -0.54 8.82 -19.55
N ALA A 323 -0.81 10.12 -19.45
CA ALA A 323 -1.70 10.82 -20.36
C ALA A 323 -0.91 11.85 -21.15
N GLY A 324 -1.27 12.04 -22.41
CA GLY A 324 -0.60 13.00 -23.26
C GLY A 324 -1.54 13.99 -23.93
N LYS A 325 -1.26 15.28 -23.77
CA LYS A 325 -2.07 16.34 -24.37
C LYS A 325 -1.16 17.36 -25.02
N PHE A 326 -1.60 17.91 -26.14
CA PHE A 326 -0.80 18.87 -26.88
C PHE A 326 -0.57 20.13 -26.05
N ASP A 327 0.64 20.68 -26.16
CA ASP A 327 1.01 21.89 -25.44
C ASP A 327 2.07 22.62 -26.24
N ILE A 328 2.14 23.94 -26.03
CA ILE A 328 3.01 24.78 -26.85
C ILE A 328 4.47 24.64 -26.42
N ILE A 329 4.73 24.67 -25.11
CA ILE A 329 6.12 24.66 -24.62
C ILE A 329 6.82 23.34 -24.93
N PRO A 330 6.23 22.16 -24.67
CA PRO A 330 6.92 20.92 -25.09
C PRO A 330 7.14 20.85 -26.59
N THR A 331 6.20 21.34 -27.39
CA THR A 331 6.38 21.35 -28.84
C THR A 331 7.57 22.22 -29.23
N MET A 332 7.69 23.40 -28.63
CA MET A 332 8.81 24.29 -28.93
C MET A 332 10.13 23.67 -28.50
N THR A 333 10.14 23.02 -27.33
CA THR A 333 11.37 22.39 -26.87
C THR A 333 11.78 21.24 -27.79
N THR A 334 10.80 20.45 -28.27
CA THR A 334 11.12 19.37 -29.18
C THR A 334 11.62 19.91 -30.52
N ILE A 335 11.04 21.01 -31.00
CA ILE A 335 11.51 21.62 -32.23
C ILE A 335 12.94 22.11 -32.08
N GLY A 336 13.24 22.76 -30.95
CA GLY A 336 14.60 23.21 -30.71
C GLY A 336 15.60 22.06 -30.61
N SER A 337 15.21 20.99 -29.93
CA SER A 337 16.08 19.83 -29.82
C SER A 337 16.31 19.18 -31.19
N GLY A 338 15.26 19.12 -32.01
CA GLY A 338 15.43 18.58 -33.35
C GLY A 338 16.33 19.43 -34.22
N ILE A 339 16.21 20.76 -34.11
CA ILE A 339 17.08 21.65 -34.86
C ILE A 339 18.53 21.47 -34.39
N GLY A 340 18.74 21.35 -33.09
CA GLY A 340 20.08 21.14 -32.58
C GLY A 340 20.68 19.83 -33.06
N ILE A 341 19.87 18.76 -33.05
CA ILE A 341 20.35 17.46 -33.50
C ILE A 341 20.67 17.51 -35.00
N PHE A 342 19.84 18.20 -35.79
CA PHE A 342 20.11 18.35 -37.21
C PHE A 342 21.42 19.09 -37.43
N GLY A 343 21.62 20.17 -36.69
CA GLY A 343 22.83 20.95 -36.83
C GLY A 343 24.07 20.16 -36.48
N VAL A 344 24.05 19.48 -35.33
CA VAL A 344 25.20 18.72 -34.90
C VAL A 344 25.49 17.62 -35.90
N ALA A 345 24.45 16.96 -36.39
CA ALA A 345 24.65 15.87 -37.34
C ALA A 345 25.28 16.35 -38.63
N THR A 346 24.82 17.49 -39.14
CA THR A 346 25.38 18.04 -40.37
C THR A 346 26.84 18.41 -40.20
N VAL A 347 27.17 19.04 -39.07
CA VAL A 347 28.57 19.41 -38.81
C VAL A 347 29.42 18.16 -38.70
N LEU A 348 28.92 17.15 -38.01
CA LEU A 348 29.67 15.91 -37.86
C LEU A 348 29.86 15.24 -39.22
N CYS A 349 28.82 15.25 -40.04
CA CYS A 349 28.92 14.64 -41.36
C CYS A 349 29.94 15.38 -42.19
N ASP A 350 29.93 16.71 -42.13
CA ASP A 350 30.89 17.50 -42.89
C ASP A 350 32.32 17.22 -42.44
N LEU A 351 32.52 17.08 -41.14
CA LEU A 351 33.84 16.77 -40.62
C LEU A 351 34.30 15.42 -41.14
N LEU A 352 33.41 14.44 -41.14
CA LEU A 352 33.75 13.12 -41.66
C LEU A 352 34.07 13.16 -43.13
N LEU A 353 33.29 13.92 -43.90
CA LEU A 353 33.54 14.07 -45.33
C LEU A 353 34.89 14.74 -45.56
N LEU A 354 35.20 15.74 -44.76
CA LEU A 354 36.49 16.43 -44.89
C LEU A 354 37.66 15.50 -44.61
N HIS A 355 37.54 14.65 -43.59
CA HIS A 355 38.64 13.76 -43.19
C HIS A 355 40.04 14.28 -43.54
N ASN B 26 29.20 42.44 -41.96
CA ASN B 26 28.22 43.42 -41.51
C ASN B 26 28.23 43.53 -39.99
N LYS B 27 28.10 44.76 -39.50
CA LYS B 27 28.09 44.97 -38.05
C LYS B 27 26.79 44.47 -37.43
N LYS B 28 25.68 44.59 -38.15
CA LYS B 28 24.40 44.14 -37.61
C LYS B 28 24.37 42.63 -37.41
N VAL B 29 25.02 41.89 -38.32
CA VAL B 29 25.10 40.44 -38.17
C VAL B 29 25.86 40.08 -36.90
N GLY B 30 26.98 40.77 -36.65
CA GLY B 30 27.74 40.53 -35.44
C GLY B 30 26.96 40.91 -34.19
N VAL B 31 26.20 41.99 -34.26
CA VAL B 31 25.38 42.40 -33.12
C VAL B 31 24.32 41.35 -32.81
N ILE B 32 23.67 40.83 -33.86
CA ILE B 32 22.66 39.79 -33.66
C ILE B 32 23.30 38.52 -33.09
N PHE B 33 24.48 38.17 -33.59
CA PHE B 33 25.18 36.99 -33.08
C PHE B 33 25.53 37.16 -31.61
N ARG B 34 26.06 38.32 -31.23
CA ARG B 34 26.40 38.56 -29.82
C ARG B 34 25.16 38.60 -28.95
N LEU B 35 24.05 39.11 -29.49
CA LEU B 35 22.80 39.12 -28.73
C LEU B 35 22.32 37.70 -28.46
N ILE B 36 22.32 36.84 -29.49
CA ILE B 36 21.91 35.46 -29.31
C ILE B 36 22.86 34.75 -28.34
N GLN B 37 24.15 35.05 -28.44
CA GLN B 37 25.12 34.44 -27.53
C GLN B 37 24.85 34.85 -26.09
N LEU B 38 24.63 36.13 -25.84
CA LEU B 38 24.31 36.59 -24.48
C LEU B 38 23.01 35.97 -23.98
N VAL B 39 22.01 35.85 -24.85
CA VAL B 39 20.74 35.27 -24.45
C VAL B 39 20.90 33.82 -24.03
N VAL B 40 21.59 33.02 -24.85
CA VAL B 40 21.74 31.61 -24.54
C VAL B 40 22.64 31.42 -23.32
N LEU B 41 23.63 32.31 -23.15
CA LEU B 41 24.50 32.22 -21.97
C LEU B 41 23.72 32.53 -20.69
N VAL B 42 22.94 33.61 -20.70
CA VAL B 42 22.12 33.95 -19.54
C VAL B 42 21.14 32.82 -19.25
N TYR B 43 20.57 32.21 -20.29
CA TYR B 43 19.64 31.11 -20.09
C TYR B 43 20.33 29.94 -19.40
N VAL B 44 21.46 29.48 -19.96
CA VAL B 44 22.11 28.29 -19.43
C VAL B 44 22.72 28.55 -18.05
N ILE B 45 22.97 29.83 -17.73
CA ILE B 45 23.57 30.12 -16.43
C ILE B 45 22.50 30.34 -15.36
N GLY B 46 21.31 30.78 -15.77
CA GLY B 46 20.27 31.06 -14.80
C GLY B 46 19.21 29.99 -14.62
N TRP B 47 18.64 29.50 -15.73
CA TRP B 47 17.46 28.65 -15.65
C TRP B 47 17.78 27.32 -14.96
N VAL B 48 18.71 26.56 -15.52
CA VAL B 48 19.02 25.24 -14.98
C VAL B 48 19.59 25.36 -13.57
N PHE B 49 20.28 26.47 -13.29
CA PHE B 49 20.93 26.63 -11.99
C PHE B 49 19.92 26.97 -10.89
N VAL B 50 18.99 27.87 -11.17
CA VAL B 50 18.04 28.35 -10.16
C VAL B 50 16.73 27.59 -10.20
N TYR B 51 16.03 27.61 -11.33
CA TYR B 51 14.71 27.00 -11.39
C TYR B 51 14.79 25.48 -11.35
N GLU B 52 15.68 24.89 -12.16
CA GLU B 52 15.83 23.44 -12.22
C GLU B 52 16.70 22.89 -11.10
N LYS B 53 17.29 23.76 -10.27
CA LYS B 53 18.15 23.35 -9.17
C LYS B 53 19.30 22.47 -9.67
N GLY B 54 20.12 23.05 -10.55
CA GLY B 54 21.22 22.29 -11.14
C GLY B 54 22.30 21.97 -10.12
N TYR B 55 22.64 22.93 -9.26
CA TYR B 55 23.68 22.71 -8.26
C TYR B 55 23.20 21.77 -7.15
N GLN B 56 21.91 21.45 -7.11
CA GLN B 56 21.36 20.53 -6.13
C GLN B 56 21.16 19.15 -6.75
N THR B 57 20.82 18.18 -5.90
CA THR B 57 20.57 16.81 -6.33
C THR B 57 19.32 16.30 -5.66
N SER B 58 18.41 15.72 -6.45
CA SER B 58 17.16 15.20 -5.94
C SER B 58 17.35 13.81 -5.34
N SER B 59 16.58 13.51 -4.30
CA SER B 59 16.65 12.23 -3.63
C SER B 59 15.27 11.86 -3.10
N GLY B 60 14.96 10.56 -3.12
CA GLY B 60 13.68 10.10 -2.64
C GLY B 60 13.60 10.05 -1.13
N LEU B 61 12.37 9.93 -0.63
CA LEU B 61 12.10 9.88 0.81
C LEU B 61 11.34 8.61 1.15
N ILE B 62 11.42 8.23 2.43
CA ILE B 62 10.68 7.09 2.96
C ILE B 62 9.53 7.63 3.80
N SER B 63 8.30 7.39 3.33
CA SER B 63 7.11 7.96 3.95
C SER B 63 6.28 6.85 4.61
N SER B 64 5.85 7.12 5.83
CA SER B 64 4.95 6.22 6.56
C SER B 64 3.75 7.04 7.02
N VAL B 65 2.57 6.71 6.51
CA VAL B 65 1.36 7.47 6.77
C VAL B 65 0.68 6.91 8.01
N SER B 66 0.42 7.79 8.99
CA SER B 66 -0.29 7.43 10.21
C SER B 66 -1.48 8.37 10.36
N VAL B 67 -2.67 7.83 10.17
CA VAL B 67 -3.91 8.62 10.22
C VAL B 67 -4.64 8.29 11.52
N LYS B 68 -5.31 9.29 12.08
CA LYS B 68 -6.07 9.13 13.33
C LYS B 68 -7.27 10.06 13.31
N LEU B 69 -8.46 9.49 13.41
CA LEU B 69 -9.70 10.25 13.46
C LEU B 69 -10.20 10.35 14.90
N LYS B 70 -11.17 11.24 15.10
CA LYS B 70 -11.78 11.42 16.42
C LYS B 70 -13.18 12.00 16.21
N GLY B 71 -14.19 11.14 16.34
CA GLY B 71 -15.56 11.58 16.18
C GLY B 71 -16.52 10.48 16.58
N LEU B 72 -17.75 10.89 16.85
CA LEU B 72 -18.80 9.96 17.27
C LEU B 72 -20.03 10.16 16.39
N ALA B 73 -20.57 9.06 15.89
CA ALA B 73 -21.78 9.07 15.08
C ALA B 73 -22.75 8.04 15.64
N VAL B 74 -23.98 8.47 15.90
CA VAL B 74 -25.02 7.62 16.47
C VAL B 74 -26.07 7.37 15.40
N THR B 75 -26.32 6.10 15.08
CA THR B 75 -27.30 5.70 14.08
C THR B 75 -28.42 4.92 14.76
N GLN B 76 -29.65 5.41 14.65
CA GLN B 76 -30.82 4.78 15.24
C GLN B 76 -31.64 4.15 14.13
N LEU B 77 -31.84 2.84 14.22
CA LEU B 77 -32.60 2.09 13.23
C LEU B 77 -33.89 1.54 13.84
N GLN B 78 -34.85 1.26 12.97
CA GLN B 78 -36.13 0.73 13.43
C GLN B 78 -35.96 -0.69 13.95
N GLY B 79 -36.46 -0.95 15.15
CA GLY B 79 -36.37 -2.25 15.77
C GLY B 79 -35.07 -2.51 16.50
N LEU B 80 -34.11 -1.59 16.46
CA LEU B 80 -32.83 -1.74 17.13
C LEU B 80 -32.56 -0.53 17.99
N GLY B 81 -31.77 -0.73 19.05
CA GLY B 81 -31.41 0.33 19.96
C GLY B 81 -30.42 1.29 19.35
N PRO B 82 -30.10 2.37 20.07
CA PRO B 82 -29.12 3.34 19.57
C PRO B 82 -27.74 2.69 19.41
N GLN B 83 -27.20 2.79 18.20
CA GLN B 83 -25.91 2.20 17.87
C GLN B 83 -24.83 3.27 17.99
N VAL B 84 -23.85 3.03 18.86
CA VAL B 84 -22.75 3.96 19.10
C VAL B 84 -21.57 3.53 18.25
N TRP B 85 -21.06 4.46 17.45
CA TRP B 85 -19.91 4.20 16.58
C TRP B 85 -18.80 5.18 16.93
N ASP B 86 -17.62 4.64 17.22
CA ASP B 86 -16.45 5.44 17.60
C ASP B 86 -15.36 5.26 16.55
N VAL B 87 -14.17 5.79 16.87
CA VAL B 87 -13.06 5.79 15.92
C VAL B 87 -12.76 4.37 15.42
N ALA B 88 -12.78 3.40 16.33
CA ALA B 88 -12.50 2.02 15.94
C ALA B 88 -13.60 1.42 15.08
N ASP B 89 -14.80 1.99 15.10
CA ASP B 89 -15.92 1.42 14.37
C ASP B 89 -15.90 1.82 12.90
N TYR B 90 -15.99 3.12 12.61
CA TYR B 90 -16.07 3.56 11.22
C TYR B 90 -14.74 3.51 10.50
N VAL B 91 -13.62 3.48 11.23
CA VAL B 91 -12.30 3.28 10.62
C VAL B 91 -11.99 1.79 10.68
N PHE B 92 -12.07 1.12 9.53
CA PHE B 92 -11.86 -0.31 9.47
C PHE B 92 -10.36 -0.66 9.55
N PRO B 93 -9.48 0.01 8.78
CA PRO B 93 -8.04 -0.22 8.99
C PRO B 93 -7.58 0.41 10.29
N ALA B 94 -7.36 -0.42 11.31
CA ALA B 94 -6.99 0.07 12.63
C ALA B 94 -5.48 0.22 12.82
N HIS B 95 -4.68 -0.43 11.98
CA HIS B 95 -3.22 -0.36 12.09
C HIS B 95 -2.64 0.92 11.50
N GLY B 96 -3.47 1.90 11.17
CA GLY B 96 -2.97 3.17 10.66
C GLY B 96 -2.57 3.13 9.20
N ASP B 97 -3.26 2.35 8.38
CA ASP B 97 -2.93 2.27 6.96
C ASP B 97 -3.27 3.58 6.25
N SER B 98 -2.51 3.86 5.19
CA SER B 98 -2.76 5.07 4.41
C SER B 98 -4.13 5.01 3.72
N SER B 99 -4.49 3.85 3.19
CA SER B 99 -5.78 3.66 2.53
C SER B 99 -6.79 3.17 3.57
N PHE B 100 -7.73 4.05 3.93
CA PHE B 100 -8.74 3.72 4.92
C PHE B 100 -10.10 4.21 4.43
N VAL B 101 -11.15 3.56 4.94
CA VAL B 101 -12.53 3.88 4.58
C VAL B 101 -13.24 4.40 5.82
N VAL B 102 -13.96 5.50 5.68
CA VAL B 102 -14.75 6.07 6.76
C VAL B 102 -16.21 5.72 6.52
N MET B 103 -16.80 4.97 7.46
CA MET B 103 -18.17 4.52 7.32
C MET B 103 -19.13 5.70 7.43
N THR B 104 -20.03 5.82 6.46
CA THR B 104 -21.06 6.85 6.44
C THR B 104 -22.46 6.30 6.31
N ASN B 105 -22.64 5.22 5.57
CA ASN B 105 -23.95 4.58 5.41
C ASN B 105 -23.74 3.08 5.31
N PHE B 106 -24.60 2.32 5.99
CA PHE B 106 -24.48 0.87 6.03
C PHE B 106 -25.85 0.24 6.10
N ILE B 107 -25.92 -1.03 5.73
CA ILE B 107 -27.13 -1.83 5.81
C ILE B 107 -26.86 -2.97 6.79
N MET B 108 -27.64 -3.01 7.88
CA MET B 108 -27.40 -3.97 8.96
C MET B 108 -28.23 -5.22 8.73
N THR B 109 -27.56 -6.37 8.65
CA THR B 109 -28.21 -7.67 8.55
C THR B 109 -27.73 -8.54 9.69
N PRO B 110 -28.38 -8.51 10.85
CA PRO B 110 -27.88 -9.23 12.02
C PRO B 110 -28.44 -10.65 12.15
N GLN B 111 -27.78 -11.42 13.02
CA GLN B 111 -28.22 -12.77 13.40
C GLN B 111 -28.28 -13.70 12.18
N GLN B 112 -27.15 -13.80 11.50
CA GLN B 112 -27.03 -14.70 10.36
C GLN B 112 -26.57 -16.08 10.84
N ALA B 113 -27.18 -17.14 10.33
CA ALA B 113 -26.73 -18.47 10.70
C ALA B 113 -26.56 -19.32 9.45
N GLN B 114 -25.73 -20.34 9.52
CA GLN B 114 -25.60 -21.21 8.36
C GLN B 114 -26.75 -22.17 8.46
N GLY B 115 -27.77 -21.94 7.65
CA GLY B 115 -28.97 -22.76 7.72
C GLY B 115 -29.70 -22.59 6.41
N HIS B 116 -30.76 -23.36 6.20
CA HIS B 116 -31.56 -23.18 5.00
C HIS B 116 -32.41 -21.94 4.98
N CYS B 117 -32.43 -21.25 3.84
CA CYS B 117 -33.27 -20.07 3.70
C CYS B 117 -33.55 -19.80 2.25
N ALA B 118 -34.57 -19.00 1.99
CA ALA B 118 -34.84 -18.61 0.64
C ALA B 118 -33.71 -17.70 0.17
N GLU B 119 -33.26 -17.85 -1.07
CA GLU B 119 -32.15 -17.04 -1.57
C GLU B 119 -32.61 -15.62 -1.85
N ASN B 120 -31.67 -14.72 -2.13
CA ASN B 120 -32.08 -13.37 -2.49
C ASN B 120 -32.95 -13.41 -3.75
N PRO B 121 -33.96 -12.52 -3.83
CA PRO B 121 -34.84 -12.55 -5.01
C PRO B 121 -34.16 -12.13 -6.30
N GLU B 122 -33.14 -11.27 -6.22
CA GLU B 122 -32.45 -10.83 -7.43
C GLU B 122 -31.63 -11.95 -8.08
N GLY B 123 -31.30 -12.99 -7.33
CA GLY B 123 -30.54 -14.09 -7.91
C GLY B 123 -31.37 -14.91 -8.89
N GLY B 124 -32.57 -15.30 -8.48
CA GLY B 124 -33.44 -16.08 -9.34
C GLY B 124 -34.85 -16.21 -8.81
N ILE B 125 -35.81 -16.38 -9.71
CA ILE B 125 -37.22 -16.52 -9.35
C ILE B 125 -37.73 -17.84 -9.90
N CYS B 126 -38.37 -18.63 -9.03
CA CYS B 126 -38.90 -19.94 -9.39
C CYS B 126 -40.39 -19.99 -9.09
N GLN B 127 -41.13 -20.69 -9.96
CA GLN B 127 -42.55 -20.89 -9.77
C GLN B 127 -42.90 -22.33 -9.39
N ASP B 128 -41.94 -23.24 -9.44
CA ASP B 128 -42.18 -24.63 -9.09
C ASP B 128 -40.86 -25.26 -8.64
N ASP B 129 -40.97 -26.41 -7.97
CA ASP B 129 -39.78 -27.09 -7.46
C ASP B 129 -38.92 -27.64 -8.58
N SER B 130 -39.53 -27.99 -9.73
CA SER B 130 -38.76 -28.53 -10.84
C SER B 130 -37.90 -27.47 -11.52
N GLY B 131 -38.22 -26.18 -11.33
CA GLY B 131 -37.43 -25.14 -11.96
C GLY B 131 -36.03 -25.01 -11.36
N CYS B 132 -35.92 -25.20 -10.06
CA CYS B 132 -34.62 -25.10 -9.40
C CYS B 132 -33.75 -26.30 -9.74
N THR B 133 -32.46 -26.06 -9.87
CA THR B 133 -31.49 -27.10 -10.20
C THR B 133 -30.47 -27.25 -9.07
N PRO B 134 -30.27 -28.45 -8.55
CA PRO B 134 -29.27 -28.62 -7.48
C PRO B 134 -27.87 -28.34 -7.98
N GLY B 135 -27.10 -27.59 -7.20
CA GLY B 135 -25.75 -27.24 -7.54
C GLY B 135 -25.45 -25.82 -7.09
N LYS B 136 -24.43 -25.22 -7.72
CA LYS B 136 -24.00 -23.88 -7.41
C LYS B 136 -24.14 -23.00 -8.65
N ALA B 137 -24.55 -21.75 -8.44
CA ALA B 137 -24.71 -20.82 -9.55
C ALA B 137 -23.35 -20.45 -10.14
N GLU B 138 -23.35 -20.23 -11.46
CA GLU B 138 -22.10 -19.89 -12.14
C GLU B 138 -21.65 -18.48 -11.78
N ARG B 139 -22.58 -17.53 -11.76
CA ARG B 139 -22.30 -16.14 -11.42
C ARG B 139 -23.19 -15.70 -10.28
N LYS B 140 -22.60 -14.91 -9.36
CA LYS B 140 -23.32 -14.40 -8.19
C LYS B 140 -23.91 -15.54 -7.36
N ALA B 141 -23.03 -16.42 -6.90
CA ALA B 141 -23.46 -17.57 -6.09
C ALA B 141 -23.96 -17.09 -4.73
N GLN B 142 -25.21 -17.43 -4.42
CA GLN B 142 -25.82 -17.05 -3.15
C GLN B 142 -25.98 -18.21 -2.17
N GLY B 143 -25.71 -19.44 -2.60
CA GLY B 143 -25.84 -20.58 -1.72
C GLY B 143 -25.88 -21.87 -2.51
N ILE B 144 -25.95 -22.97 -1.77
CA ILE B 144 -26.01 -24.31 -2.35
C ILE B 144 -27.48 -24.63 -2.58
N ARG B 145 -27.91 -24.55 -3.83
CA ARG B 145 -29.31 -24.83 -4.16
C ARG B 145 -29.62 -26.30 -3.97
N THR B 146 -30.65 -26.58 -3.17
CA THR B 146 -31.07 -27.95 -2.89
C THR B 146 -32.11 -28.44 -3.89
N GLY B 147 -32.48 -27.64 -4.88
CA GLY B 147 -33.47 -28.04 -5.86
C GLY B 147 -34.91 -27.85 -5.44
N ASN B 148 -35.16 -27.13 -4.35
CA ASN B 148 -36.51 -26.88 -3.86
C ASN B 148 -36.83 -25.39 -3.96
N CYS B 149 -38.04 -25.09 -4.44
CA CYS B 149 -38.50 -23.72 -4.59
C CYS B 149 -39.36 -23.37 -3.38
N VAL B 150 -38.85 -22.50 -2.51
CA VAL B 150 -39.55 -22.09 -1.30
C VAL B 150 -40.03 -20.65 -1.45
N PRO B 151 -41.15 -20.28 -0.83
CA PRO B 151 -41.64 -18.90 -0.98
C PRO B 151 -40.77 -17.93 -0.18
N PHE B 152 -40.13 -17.00 -0.90
CA PHE B 152 -39.36 -15.95 -0.23
C PHE B 152 -40.28 -15.04 0.58
N ASN B 153 -41.40 -14.63 -0.01
CA ASN B 153 -42.42 -13.87 0.70
C ASN B 153 -43.78 -14.22 0.09
N GLY B 154 -44.76 -13.35 0.32
CA GLY B 154 -46.11 -13.63 -0.15
C GLY B 154 -46.26 -13.66 -1.65
N THR B 155 -45.45 -12.88 -2.37
CA THR B 155 -45.64 -12.75 -3.81
C THR B 155 -44.73 -13.71 -4.58
N VAL B 156 -43.41 -13.58 -4.41
CA VAL B 156 -42.45 -14.31 -5.21
C VAL B 156 -41.86 -15.45 -4.40
N LYS B 157 -41.24 -16.39 -5.11
CA LYS B 157 -40.60 -17.56 -4.51
C LYS B 157 -39.18 -17.68 -5.04
N THR B 158 -38.26 -18.10 -4.18
CA THR B 158 -36.86 -18.27 -4.54
C THR B 158 -36.40 -19.67 -4.18
N CYS B 159 -35.41 -20.15 -4.92
CA CYS B 159 -34.88 -21.50 -4.68
C CYS B 159 -34.17 -21.55 -3.34
N GLU B 160 -34.41 -22.62 -2.59
CA GLU B 160 -33.78 -22.78 -1.27
C GLU B 160 -32.29 -22.98 -1.39
N ILE B 161 -31.52 -22.28 -0.56
CA ILE B 161 -30.07 -22.37 -0.59
C ILE B 161 -29.51 -22.63 0.80
N PHE B 162 -28.31 -23.18 0.87
CA PHE B 162 -27.68 -23.37 2.16
C PHE B 162 -26.57 -22.35 2.25
N GLY B 163 -26.57 -21.53 3.30
CA GLY B 163 -25.58 -20.48 3.44
C GLY B 163 -25.90 -19.64 4.65
N TRP B 164 -25.22 -18.51 4.81
CA TRP B 164 -25.55 -17.61 5.91
C TRP B 164 -26.96 -17.10 5.66
N CYS B 165 -27.82 -17.13 6.68
CA CYS B 165 -29.20 -16.76 6.47
C CYS B 165 -29.83 -15.94 7.60
N PRO B 166 -30.81 -15.08 7.28
CA PRO B 166 -31.41 -14.83 5.95
C PRO B 166 -30.50 -13.96 5.09
N VAL B 167 -30.70 -14.00 3.78
CA VAL B 167 -29.83 -13.26 2.88
C VAL B 167 -30.02 -11.75 2.98
N GLU B 168 -28.92 -11.00 2.92
CA GLU B 168 -28.99 -9.54 3.00
C GLU B 168 -29.75 -8.94 1.83
N VAL B 169 -30.64 -7.99 2.11
CA VAL B 169 -31.38 -7.31 1.05
C VAL B 169 -30.89 -5.88 0.94
N ASP B 170 -30.07 -5.60 -0.05
CA ASP B 170 -29.50 -4.27 -0.21
C ASP B 170 -30.36 -3.33 -1.04
N ASP B 171 -31.47 -3.84 -1.58
CA ASP B 171 -32.35 -3.04 -2.44
C ASP B 171 -32.66 -1.62 -1.98
N LYS B 172 -32.95 -1.42 -0.69
CA LYS B 172 -33.33 -0.11 -0.21
C LYS B 172 -32.15 0.67 0.34
N ILE B 173 -31.91 1.85 -0.21
CA ILE B 173 -30.83 2.69 0.29
C ILE B 173 -31.41 3.96 0.98
N PRO B 174 -31.32 4.09 2.33
CA PRO B 174 -31.81 5.33 2.94
C PRO B 174 -31.13 6.55 2.33
N SER B 175 -31.95 7.49 1.87
CA SER B 175 -31.42 8.71 1.28
C SER B 175 -30.65 9.56 2.30
N PRO B 176 -31.14 9.80 3.51
CA PRO B 176 -30.31 10.48 4.51
C PRO B 176 -29.21 9.55 5.02
N ALA B 177 -27.99 10.06 5.06
CA ALA B 177 -26.86 9.27 5.53
C ALA B 177 -27.03 8.94 7.01
N LEU B 178 -26.82 7.67 7.36
CA LEU B 178 -26.93 7.25 8.75
C LEU B 178 -25.89 7.95 9.61
N LEU B 179 -24.63 7.92 9.19
CA LEU B 179 -23.56 8.63 9.90
C LEU B 179 -23.34 10.01 9.30
N HIS B 180 -24.42 10.79 9.28
CA HIS B 180 -24.36 12.14 8.75
C HIS B 180 -23.55 13.08 9.63
N GLU B 181 -23.37 12.73 10.91
CA GLU B 181 -22.55 13.54 11.79
C GLU B 181 -21.06 13.46 11.43
N ALA B 182 -20.67 12.46 10.65
CA ALA B 182 -19.27 12.28 10.27
C ALA B 182 -18.81 13.27 9.20
N GLU B 183 -19.64 14.25 8.83
CA GLU B 183 -19.24 15.21 7.81
C GLU B 183 -18.13 16.13 8.32
N ASN B 184 -18.33 16.73 9.49
CA ASN B 184 -17.39 17.69 10.05
C ASN B 184 -16.49 17.07 11.12
N PHE B 185 -16.13 15.80 10.95
CA PHE B 185 -15.21 15.15 11.89
C PHE B 185 -13.80 15.72 11.72
N THR B 186 -12.93 15.35 12.66
CA THR B 186 -11.54 15.80 12.65
C THR B 186 -10.66 14.65 12.18
N LEU B 187 -9.85 14.92 11.15
CA LEU B 187 -8.94 13.93 10.59
C LEU B 187 -7.51 14.41 10.81
N PHE B 188 -6.73 13.63 11.55
CA PHE B 188 -5.33 13.94 11.82
C PHE B 188 -4.45 12.97 11.06
N ILE B 189 -3.57 13.50 10.22
CA ILE B 189 -2.65 12.72 9.42
C ILE B 189 -1.23 13.00 9.90
N LYS B 190 -0.56 11.97 10.38
CA LYS B 190 0.82 12.09 10.87
C LYS B 190 1.73 11.37 9.88
N ASN B 191 2.55 12.15 9.18
CA ASN B 191 3.46 11.64 8.16
C ASN B 191 4.89 12.03 8.50
N SER B 192 5.78 11.05 8.54
CA SER B 192 7.19 11.27 8.81
C SER B 192 8.00 10.79 7.61
N ILE B 193 8.75 11.70 7.01
CA ILE B 193 9.57 11.41 5.84
C ILE B 193 11.03 11.65 6.19
N SER B 194 11.92 10.84 5.61
CA SER B 194 13.35 10.96 5.83
C SER B 194 14.09 10.68 4.54
N PHE B 195 15.12 11.49 4.26
CA PHE B 195 15.94 11.31 3.08
C PHE B 195 17.21 10.56 3.47
N PRO B 196 17.46 9.37 2.93
CA PRO B 196 18.64 8.61 3.38
C PRO B 196 19.97 9.21 2.94
N ARG B 197 20.00 9.86 1.78
CA ARG B 197 21.24 10.43 1.29
C ARG B 197 21.70 11.60 2.15
N PHE B 198 20.77 12.47 2.55
CA PHE B 198 21.09 13.65 3.34
C PHE B 198 20.90 13.43 4.84
N LYS B 199 20.30 12.31 5.24
CA LYS B 199 20.10 11.97 6.65
C LYS B 199 19.32 13.05 7.39
N VAL B 200 18.29 13.57 6.74
CA VAL B 200 17.42 14.61 7.32
C VAL B 200 16.02 14.01 7.46
N ASN B 201 15.52 14.01 8.69
CA ASN B 201 14.19 13.49 8.99
C ASN B 201 13.23 14.65 9.26
N ARG B 202 12.10 14.66 8.56
CA ARG B 202 11.11 15.70 8.70
C ARG B 202 9.75 15.08 8.95
N ARG B 203 8.88 15.82 9.64
CA ARG B 203 7.54 15.39 9.97
C ARG B 203 6.55 16.49 9.61
N ASN B 204 5.29 16.09 9.42
CA ASN B 204 4.25 17.06 9.11
C ASN B 204 4.13 18.12 10.19
N LEU B 205 4.37 17.75 11.44
CA LEU B 205 4.42 18.72 12.52
C LEU B 205 5.69 19.55 12.42
N VAL B 206 5.55 20.85 12.23
CA VAL B 206 6.67 21.74 11.99
C VAL B 206 6.86 22.64 13.21
N GLU B 207 7.92 23.44 13.17
CA GLU B 207 8.22 24.34 14.28
C GLU B 207 7.13 25.38 14.48
N GLU B 208 6.46 25.79 13.40
CA GLU B 208 5.37 26.76 13.52
C GLU B 208 4.18 26.16 14.27
N VAL B 209 3.93 24.86 14.09
CA VAL B 209 2.82 24.21 14.76
C VAL B 209 3.27 23.79 16.16
N ASN B 210 2.47 24.15 17.17
CA ASN B 210 2.76 23.81 18.56
C ASN B 210 1.61 22.97 19.12
N GLY B 211 1.72 22.66 20.41
CA GLY B 211 0.69 21.86 21.05
C GLY B 211 -0.65 22.57 21.15
N THR B 212 -0.62 23.84 21.56
CA THR B 212 -1.86 24.60 21.69
C THR B 212 -2.47 24.96 20.34
N TYR B 213 -1.67 24.94 19.27
CA TYR B 213 -2.20 25.26 17.95
C TYR B 213 -3.11 24.16 17.42
N MET B 214 -2.70 22.90 17.60
CA MET B 214 -3.49 21.78 17.11
C MET B 214 -4.81 21.64 17.86
N LYS B 215 -4.94 22.24 19.04
CA LYS B 215 -6.16 22.08 19.83
C LYS B 215 -7.30 22.94 19.30
N LYS B 216 -6.99 24.02 18.58
CA LYS B 216 -8.02 24.95 18.13
C LYS B 216 -7.84 25.38 16.67
N CYS B 217 -7.31 24.50 15.82
CA CYS B 217 -7.13 24.82 14.41
C CYS B 217 -7.88 23.82 13.55
N LEU B 218 -8.33 24.30 12.38
CA LEU B 218 -8.93 23.47 11.35
C LEU B 218 -8.24 23.79 10.03
N TYR B 219 -7.99 22.74 9.24
CA TYR B 219 -7.20 22.90 8.02
C TYR B 219 -7.93 23.77 7.01
N HIS B 220 -7.19 24.69 6.40
CA HIS B 220 -7.70 25.54 5.34
C HIS B 220 -6.56 25.88 4.39
N LYS B 221 -6.91 26.13 3.12
CA LYS B 221 -5.88 26.41 2.12
C LYS B 221 -5.20 27.75 2.36
N ILE B 222 -5.89 28.70 2.99
CA ILE B 222 -5.37 30.04 3.21
C ILE B 222 -5.19 30.34 4.69
N LEU B 223 -6.18 29.98 5.51
CA LEU B 223 -6.14 30.33 6.93
C LEU B 223 -5.10 29.49 7.68
N HIS B 224 -5.28 28.17 7.69
CA HIS B 224 -4.42 27.25 8.44
C HIS B 224 -3.86 26.21 7.49
N PRO B 225 -2.80 26.52 6.75
CA PRO B 225 -2.21 25.53 5.85
C PRO B 225 -1.38 24.47 6.57
N LEU B 226 -0.83 24.80 7.74
CA LEU B 226 0.02 23.89 8.49
C LEU B 226 -0.73 23.10 9.56
N CYS B 227 -2.01 23.38 9.77
CA CYS B 227 -2.79 22.65 10.76
C CYS B 227 -2.97 21.20 10.33
N PRO B 228 -2.48 20.23 11.10
CA PRO B 228 -2.57 18.83 10.69
C PRO B 228 -3.95 18.21 10.89
N VAL B 229 -4.92 18.96 11.40
CA VAL B 229 -6.26 18.45 11.63
C VAL B 229 -7.14 18.82 10.44
N PHE B 230 -7.54 17.82 9.67
CA PHE B 230 -8.33 18.02 8.47
C PHE B 230 -9.80 17.72 8.76
N SER B 231 -10.69 18.50 8.17
CA SER B 231 -12.12 18.24 8.26
C SER B 231 -12.57 17.40 7.08
N LEU B 232 -13.30 16.33 7.36
CA LEU B 232 -13.73 15.41 6.31
C LEU B 232 -14.60 16.12 5.29
N GLY B 233 -15.58 16.90 5.76
CA GLY B 233 -16.42 17.66 4.84
C GLY B 233 -15.63 18.66 4.03
N TYR B 234 -14.68 19.34 4.66
CA TYR B 234 -13.84 20.30 3.93
C TYR B 234 -12.98 19.59 2.90
N VAL B 235 -12.43 18.42 3.24
CA VAL B 235 -11.61 17.66 2.30
C VAL B 235 -12.46 17.22 1.11
N VAL B 236 -13.68 16.77 1.36
CA VAL B 236 -14.54 16.31 0.27
C VAL B 236 -14.97 17.48 -0.61
N ARG B 237 -15.26 18.64 0.00
CA ARG B 237 -15.70 19.79 -0.78
C ARG B 237 -14.56 20.40 -1.59
N GLU B 238 -13.33 20.35 -1.07
CA GLU B 238 -12.20 20.88 -1.82
C GLU B 238 -11.89 20.03 -3.05
N SER B 239 -12.19 18.74 -3.00
CA SER B 239 -11.95 17.87 -4.15
C SER B 239 -12.95 18.10 -5.26
N GLY B 240 -14.08 18.72 -4.96
CA GLY B 240 -15.10 18.99 -5.95
C GLY B 240 -16.33 18.10 -5.90
N GLN B 241 -16.62 17.51 -4.75
CA GLN B 241 -17.75 16.59 -4.59
C GLN B 241 -18.58 17.00 -3.40
N ASP B 242 -19.90 16.88 -3.54
CA ASP B 242 -20.79 17.13 -2.41
C ASP B 242 -20.73 15.95 -1.44
N PHE B 243 -20.73 16.27 -0.13
CA PHE B 243 -20.54 15.23 0.86
C PHE B 243 -21.79 14.36 1.00
N ARG B 244 -22.98 14.96 0.86
CA ARG B 244 -24.22 14.20 1.06
C ARG B 244 -24.41 13.16 -0.04
N SER B 245 -24.35 13.58 -1.31
CA SER B 245 -24.55 12.65 -2.41
C SER B 245 -23.45 11.61 -2.46
N LEU B 246 -22.23 11.98 -2.03
CA LEU B 246 -21.13 11.02 -2.00
C LEU B 246 -21.34 9.98 -0.90
N ALA B 247 -21.65 10.42 0.31
CA ALA B 247 -21.85 9.50 1.42
C ALA B 247 -23.12 8.66 1.28
N GLU B 248 -24.06 9.10 0.43
CA GLU B 248 -25.27 8.32 0.23
C GLU B 248 -24.97 6.96 -0.38
N LYS B 249 -24.01 6.91 -1.32
CA LYS B 249 -23.66 5.67 -2.00
C LYS B 249 -22.17 5.35 -1.96
N GLY B 250 -21.37 6.13 -1.23
CA GLY B 250 -19.95 5.89 -1.17
C GLY B 250 -19.18 6.66 -2.23
N GLY B 251 -17.86 6.61 -2.11
CA GLY B 251 -17.00 7.30 -3.06
C GLY B 251 -15.55 7.14 -2.67
N VAL B 252 -14.69 7.80 -3.46
CA VAL B 252 -13.25 7.77 -3.26
C VAL B 252 -12.72 9.19 -3.33
N VAL B 253 -11.92 9.57 -2.33
CA VAL B 253 -11.28 10.88 -2.27
C VAL B 253 -9.79 10.66 -2.10
N GLY B 254 -8.99 11.26 -2.98
CA GLY B 254 -7.55 11.11 -2.96
C GLY B 254 -6.88 12.33 -2.37
N ILE B 255 -6.02 12.09 -1.37
CA ILE B 255 -5.27 13.15 -0.70
C ILE B 255 -3.78 12.91 -0.97
N THR B 256 -3.11 13.95 -1.44
CA THR B 256 -1.69 13.88 -1.79
C THR B 256 -0.90 14.88 -0.94
N ILE B 257 0.27 14.45 -0.48
CA ILE B 257 1.15 15.29 0.33
C ILE B 257 2.45 15.48 -0.44
N ASP B 258 2.82 16.74 -0.66
CA ASP B 258 4.03 17.09 -1.40
C ASP B 258 5.07 17.62 -0.43
N TRP B 259 6.31 17.13 -0.55
CA TRP B 259 7.41 17.54 0.31
C TRP B 259 8.53 18.22 -0.48
N GLU B 260 8.17 19.00 -1.50
CA GLU B 260 9.17 19.73 -2.25
C GLU B 260 9.75 20.85 -1.40
N CYS B 261 11.06 20.79 -1.16
CA CYS B 261 11.73 21.76 -0.31
C CYS B 261 13.19 21.85 -0.70
N ASP B 262 13.85 22.90 -0.21
CA ASP B 262 15.26 23.14 -0.47
C ASP B 262 16.04 23.01 0.82
N LEU B 263 17.03 22.10 0.83
CA LEU B 263 17.86 21.90 2.01
C LEU B 263 18.90 22.98 2.22
N ASP B 264 19.07 23.89 1.25
CA ASP B 264 20.03 24.98 1.42
C ASP B 264 19.58 25.92 2.53
N TRP B 265 18.27 26.13 2.66
CA TRP B 265 17.74 26.97 3.72
C TRP B 265 17.62 26.18 5.02
N HIS B 266 17.04 26.81 6.03
CA HIS B 266 16.84 26.15 7.31
C HIS B 266 15.75 25.09 7.19
N VAL B 267 15.72 24.19 8.18
CA VAL B 267 14.73 23.12 8.18
C VAL B 267 13.33 23.63 8.46
N ARG B 268 13.20 24.87 8.96
CA ARG B 268 11.88 25.43 9.22
C ARG B 268 11.14 25.74 7.92
N HIS B 269 11.86 25.96 6.82
CA HIS B 269 11.21 26.25 5.54
C HIS B 269 10.53 25.01 4.97
N CYS B 270 10.98 23.82 5.36
CA CYS B 270 10.37 22.59 4.88
C CYS B 270 8.97 22.42 5.45
N LYS B 271 7.95 22.63 4.62
CA LYS B 271 6.57 22.52 5.03
C LYS B 271 5.80 21.66 4.05
N PRO B 272 4.99 20.70 4.53
CA PRO B 272 4.23 19.85 3.62
C PRO B 272 3.04 20.58 3.02
N ILE B 273 2.77 20.28 1.75
CA ILE B 273 1.66 20.86 1.02
C ILE B 273 0.67 19.75 0.71
N TYR B 274 -0.59 19.99 1.07
CA TYR B 274 -1.65 18.99 0.93
C TYR B 274 -2.56 19.36 -0.23
N GLN B 275 -2.77 18.41 -1.13
CA GLN B 275 -3.66 18.59 -2.27
C GLN B 275 -4.72 17.48 -2.26
N PHE B 276 -5.97 17.86 -2.49
CA PHE B 276 -7.09 16.94 -2.47
C PHE B 276 -7.61 16.73 -3.90
N HIS B 277 -7.70 15.48 -4.32
CA HIS B 277 -8.16 15.12 -5.65
C HIS B 277 -9.38 14.23 -5.53
N GLY B 278 -10.43 14.53 -6.31
CA GLY B 278 -11.66 13.78 -6.28
C GLY B 278 -11.68 12.71 -7.34
N LEU B 279 -11.87 11.46 -6.90
CA LEU B 279 -11.95 10.31 -7.80
C LEU B 279 -13.41 9.88 -7.89
N TYR B 280 -14.05 10.22 -9.01
CA TYR B 280 -15.45 9.90 -9.22
C TYR B 280 -15.64 9.33 -10.61
N GLY B 281 -16.77 8.65 -10.80
CA GLY B 281 -17.10 8.05 -12.08
C GLY B 281 -18.54 8.25 -12.47
N GLU B 282 -18.99 7.54 -13.50
CA GLU B 282 -20.38 7.66 -13.94
C GLU B 282 -21.32 7.04 -12.92
N LYS B 283 -22.33 7.80 -12.51
CA LYS B 283 -23.29 7.33 -11.52
C LYS B 283 -24.28 6.32 -12.11
N ASN B 284 -24.41 6.25 -13.42
CA ASN B 284 -25.35 5.31 -14.03
C ASN B 284 -24.87 3.87 -13.92
N LEU B 285 -23.55 3.66 -13.90
CA LEU B 285 -22.97 2.32 -13.83
C LEU B 285 -22.09 2.24 -12.59
N SER B 286 -22.51 1.41 -11.63
CA SER B 286 -21.79 1.18 -10.38
C SER B 286 -21.47 2.48 -9.67
N PRO B 287 -22.47 3.17 -9.12
CA PRO B 287 -22.21 4.45 -8.44
C PRO B 287 -21.66 4.23 -7.03
N GLY B 288 -20.61 4.99 -6.72
CA GLY B 288 -20.05 4.99 -5.38
C GLY B 288 -19.17 3.79 -5.10
N PHE B 289 -18.73 3.71 -3.84
CA PHE B 289 -17.87 2.64 -3.37
C PHE B 289 -18.55 1.94 -2.19
N ASN B 290 -18.49 0.62 -2.17
CA ASN B 290 -19.12 -0.16 -1.11
C ASN B 290 -18.36 -1.48 -0.93
N PHE B 291 -18.65 -2.13 0.20
CA PHE B 291 -18.05 -3.42 0.51
C PHE B 291 -18.87 -4.07 1.62
N ARG B 292 -18.48 -5.29 1.99
CA ARG B 292 -19.16 -6.05 3.03
C ARG B 292 -18.14 -6.65 3.98
N PHE B 293 -18.41 -6.56 5.28
CA PHE B 293 -17.57 -7.17 6.30
C PHE B 293 -18.47 -7.84 7.33
N ALA B 294 -17.91 -8.82 8.04
CA ALA B 294 -18.66 -9.59 9.02
C ALA B 294 -17.89 -9.67 10.32
N ARG B 295 -18.63 -9.67 11.42
CA ARG B 295 -18.07 -9.82 12.77
C ARG B 295 -18.53 -11.16 13.32
N HIS B 296 -17.60 -12.09 13.46
CA HIS B 296 -17.92 -13.45 13.91
C HIS B 296 -17.93 -13.51 15.43
N PHE B 297 -19.00 -14.06 15.98
CA PHE B 297 -19.15 -14.22 17.43
C PHE B 297 -19.86 -15.53 17.71
N VAL B 298 -19.84 -15.92 18.99
CA VAL B 298 -20.48 -17.14 19.45
C VAL B 298 -21.49 -16.75 20.52
N GLN B 299 -22.77 -17.04 20.27
CA GLN B 299 -23.85 -16.74 21.18
C GLN B 299 -24.73 -17.97 21.36
N ASN B 300 -24.97 -18.35 22.62
CA ASN B 300 -25.79 -19.51 22.95
C ASN B 300 -25.28 -20.80 22.29
N GLY B 301 -23.95 -20.90 22.16
CA GLY B 301 -23.36 -22.08 21.54
C GLY B 301 -23.54 -22.19 20.05
N THR B 302 -24.05 -21.14 19.39
CA THR B 302 -24.26 -21.14 17.95
C THR B 302 -23.48 -20.00 17.34
N ASN B 303 -22.64 -20.32 16.36
CA ASN B 303 -21.83 -19.32 15.69
C ASN B 303 -22.69 -18.46 14.78
N ARG B 304 -22.74 -17.15 15.08
CA ARG B 304 -23.51 -16.20 14.29
C ARG B 304 -22.64 -15.01 13.96
N ARG B 305 -23.07 -14.23 12.98
CA ARG B 305 -22.32 -13.07 12.52
C ARG B 305 -23.28 -11.95 12.15
N HIS B 306 -22.70 -10.75 11.97
CA HIS B 306 -23.45 -9.57 11.56
C HIS B 306 -22.80 -9.00 10.30
N LEU B 307 -23.54 -8.99 9.21
CA LEU B 307 -23.04 -8.50 7.92
C LEU B 307 -23.50 -7.06 7.70
N PHE B 308 -22.57 -6.22 7.28
CA PHE B 308 -22.84 -4.80 7.03
C PHE B 308 -22.32 -4.45 5.65
N LYS B 309 -23.19 -3.88 4.81
CA LYS B 309 -22.79 -3.36 3.50
C LYS B 309 -22.52 -1.86 3.68
N VAL B 310 -21.26 -1.51 3.88
CA VAL B 310 -20.86 -0.16 4.24
C VAL B 310 -20.63 0.66 2.98
N PHE B 311 -21.34 1.78 2.86
CA PHE B 311 -21.13 2.74 1.79
C PHE B 311 -20.31 3.89 2.37
N GLY B 312 -18.98 3.76 2.28
CA GLY B 312 -18.09 4.72 2.90
C GLY B 312 -17.14 5.34 1.89
N ILE B 313 -16.61 6.49 2.28
CA ILE B 313 -15.68 7.23 1.43
C ILE B 313 -14.29 6.63 1.56
N ARG B 314 -13.64 6.40 0.42
CA ARG B 314 -12.30 5.82 0.39
C ARG B 314 -11.26 6.93 0.35
N PHE B 315 -10.37 6.95 1.34
CA PHE B 315 -9.32 7.95 1.44
C PHE B 315 -7.97 7.27 1.19
N ASP B 316 -7.23 7.78 0.21
CA ASP B 316 -5.91 7.26 -0.13
C ASP B 316 -4.88 8.38 0.03
N ILE B 317 -3.83 8.10 0.80
CA ILE B 317 -2.79 9.07 1.08
C ILE B 317 -1.57 8.72 0.23
N LEU B 318 -1.14 9.67 -0.61
CA LEU B 318 0.04 9.49 -1.46
C LEU B 318 1.05 10.59 -1.12
N VAL B 319 2.27 10.19 -0.82
CA VAL B 319 3.33 11.11 -0.42
C VAL B 319 4.43 11.06 -1.47
N ASP B 320 4.76 12.22 -2.03
CA ASP B 320 5.82 12.34 -3.03
C ASP B 320 6.55 13.65 -2.80
N GLY B 321 7.85 13.58 -2.54
CA GLY B 321 8.63 14.77 -2.29
C GLY B 321 10.09 14.54 -2.58
N LYS B 322 10.82 15.64 -2.75
CA LYS B 322 12.24 15.60 -3.04
C LYS B 322 12.95 16.69 -2.28
N ALA B 323 14.25 16.51 -2.08
CA ALA B 323 15.09 17.47 -1.36
C ALA B 323 16.39 17.66 -2.12
N GLY B 324 16.84 18.91 -2.21
CA GLY B 324 18.07 19.22 -2.92
C GLY B 324 19.05 20.04 -2.11
N LYS B 325 20.31 19.64 -2.12
CA LYS B 325 21.37 20.35 -1.41
C LYS B 325 22.55 20.54 -2.34
N PHE B 326 23.33 21.60 -2.06
CA PHE B 326 24.48 21.92 -2.90
C PHE B 326 25.49 20.78 -2.90
N ASP B 327 26.00 20.43 -4.08
CA ASP B 327 26.97 19.36 -4.23
C ASP B 327 27.90 19.70 -5.38
N ILE B 328 29.12 19.18 -5.32
CA ILE B 328 30.14 19.56 -6.30
C ILE B 328 29.91 18.87 -7.64
N ILE B 329 29.62 17.57 -7.61
CA ILE B 329 29.49 16.81 -8.86
C ILE B 329 28.30 17.25 -9.69
N PRO B 330 27.09 17.41 -9.14
CA PRO B 330 25.99 17.95 -9.98
C PRO B 330 26.28 19.33 -10.50
N THR B 331 26.93 20.19 -9.70
CA THR B 331 27.28 21.52 -10.17
C THR B 331 28.23 21.45 -11.37
N MET B 332 29.25 20.59 -11.28
CA MET B 332 30.20 20.46 -12.38
C MET B 332 29.53 19.89 -13.62
N THR B 333 28.64 18.92 -13.45
CA THR B 333 27.94 18.35 -14.59
C THR B 333 27.05 19.40 -15.26
N THR B 334 26.36 20.22 -14.46
CA THR B 334 25.52 21.26 -15.02
C THR B 334 26.35 22.32 -15.72
N ILE B 335 27.51 22.67 -15.17
CA ILE B 335 28.39 23.62 -15.83
C ILE B 335 28.87 23.07 -17.17
N GLY B 336 29.25 21.80 -17.20
CA GLY B 336 29.67 21.19 -18.46
C GLY B 336 28.56 21.15 -19.48
N SER B 337 27.34 20.79 -19.05
CA SER B 337 26.20 20.78 -19.97
C SER B 337 25.91 22.18 -20.48
N GLY B 338 26.02 23.20 -19.62
CA GLY B 338 25.81 24.56 -20.06
C GLY B 338 26.84 25.02 -21.07
N ILE B 339 28.11 24.66 -20.84
CA ILE B 339 29.15 25.00 -21.80
C ILE B 339 28.92 24.31 -23.13
N GLY B 340 28.50 23.05 -23.09
CA GLY B 340 28.19 22.34 -24.32
C GLY B 340 27.03 22.95 -25.09
N ILE B 341 25.96 23.31 -24.38
CA ILE B 341 24.82 23.95 -25.02
C ILE B 341 25.22 25.30 -25.58
N PHE B 342 26.07 26.04 -24.86
CA PHE B 342 26.56 27.32 -25.36
C PHE B 342 27.35 27.15 -26.65
N GLY B 343 28.26 26.18 -26.69
CA GLY B 343 29.02 25.93 -27.91
C GLY B 343 28.15 25.51 -29.07
N VAL B 344 27.17 24.64 -28.81
CA VAL B 344 26.25 24.20 -29.85
C VAL B 344 25.45 25.37 -30.39
N ALA B 345 24.95 26.23 -29.49
CA ALA B 345 24.19 27.39 -29.93
C ALA B 345 25.05 28.34 -30.75
N THR B 346 26.29 28.55 -30.34
CA THR B 346 27.18 29.43 -31.09
C THR B 346 27.47 28.89 -32.49
N VAL B 347 27.77 27.59 -32.58
CA VAL B 347 28.11 27.03 -33.89
C VAL B 347 26.87 26.98 -34.78
N LEU B 348 25.69 26.76 -34.19
CA LEU B 348 24.47 26.76 -34.99
C LEU B 348 24.14 28.18 -35.49
N CYS B 349 24.35 29.18 -34.64
CA CYS B 349 24.14 30.56 -35.07
C CYS B 349 25.11 30.94 -36.17
N ASP B 350 26.38 30.51 -36.05
CA ASP B 350 27.34 30.78 -37.12
C ASP B 350 26.94 30.10 -38.42
N LEU B 351 26.47 28.85 -38.33
CA LEU B 351 26.04 28.14 -39.53
C LEU B 351 24.84 28.81 -40.18
N LEU B 352 23.90 29.31 -39.36
CA LEU B 352 22.74 30.00 -39.90
C LEU B 352 23.12 31.34 -40.52
N LEU B 353 24.12 32.02 -39.94
CA LEU B 353 24.52 33.32 -40.46
C LEU B 353 25.30 33.18 -41.76
N LEU B 354 26.15 32.15 -41.86
CA LEU B 354 26.92 31.98 -43.09
C LEU B 354 26.03 31.49 -44.23
N HIS B 355 24.92 30.84 -43.90
CA HIS B 355 23.98 30.30 -44.89
C HIS B 355 24.67 29.38 -45.89
N ASN C 26 51.39 25.13 -34.48
CA ASN C 26 52.23 24.87 -33.32
C ASN C 26 52.11 23.42 -32.88
N LYS C 27 53.24 22.84 -32.43
CA LYS C 27 53.24 21.43 -32.04
C LYS C 27 52.55 21.22 -30.70
N LYS C 28 52.79 22.12 -29.74
CA LYS C 28 52.21 21.95 -28.41
C LYS C 28 50.69 22.11 -28.45
N VAL C 29 50.19 22.99 -29.31
CA VAL C 29 48.75 23.14 -29.47
C VAL C 29 48.12 21.85 -29.98
N GLY C 30 48.75 21.23 -30.99
CA GLY C 30 48.25 19.97 -31.49
C GLY C 30 48.34 18.86 -30.46
N VAL C 31 49.40 18.87 -29.66
CA VAL C 31 49.54 17.87 -28.60
C VAL C 31 48.43 18.01 -27.57
N ILE C 32 48.14 19.24 -27.15
CA ILE C 32 47.06 19.46 -26.18
C ILE C 32 45.72 19.08 -26.79
N PHE C 33 45.52 19.38 -28.07
CA PHE C 33 44.27 18.99 -28.74
C PHE C 33 44.11 17.48 -28.76
N ARG C 34 45.17 16.76 -29.14
CA ARG C 34 45.11 15.30 -29.18
C ARG C 34 44.89 14.73 -27.79
N LEU C 35 45.49 15.35 -26.77
CA LEU C 35 45.29 14.88 -25.40
C LEU C 35 43.85 15.05 -24.96
N ILE C 36 43.26 16.22 -25.20
CA ILE C 36 41.87 16.44 -24.82
C ILE C 36 40.95 15.50 -25.60
N GLN C 37 41.27 15.26 -26.88
CA GLN C 37 40.45 14.37 -27.69
C GLN C 37 40.50 12.94 -27.19
N LEU C 38 41.70 12.44 -26.84
CA LEU C 38 41.81 11.09 -26.32
C LEU C 38 41.16 10.99 -24.94
N VAL C 39 41.23 12.06 -24.15
CA VAL C 39 40.57 12.05 -22.83
C VAL C 39 39.06 11.93 -22.99
N VAL C 40 38.47 12.76 -23.86
CA VAL C 40 37.02 12.70 -24.03
C VAL C 40 36.61 11.40 -24.72
N LEU C 41 37.49 10.83 -25.55
CA LEU C 41 37.19 9.54 -26.16
C LEU C 41 37.16 8.43 -25.11
N VAL C 42 38.17 8.38 -24.24
CA VAL C 42 38.18 7.41 -23.15
C VAL C 42 36.95 7.61 -22.26
N TYR C 43 36.57 8.87 -22.03
CA TYR C 43 35.36 9.15 -21.25
C TYR C 43 34.14 8.53 -21.91
N VAL C 44 33.87 8.89 -23.17
CA VAL C 44 32.64 8.44 -23.81
C VAL C 44 32.65 6.94 -24.04
N ILE C 45 33.83 6.31 -24.05
CA ILE C 45 33.88 4.87 -24.31
C ILE C 45 33.78 4.08 -23.01
N GLY C 46 34.23 4.65 -21.89
CA GLY C 46 34.20 3.90 -20.65
C GLY C 46 33.13 4.28 -19.64
N TRP C 47 32.93 5.58 -19.43
CA TRP C 47 32.08 6.03 -18.33
C TRP C 47 30.62 5.65 -18.56
N VAL C 48 30.04 6.13 -19.66
CA VAL C 48 28.63 5.88 -19.94
C VAL C 48 28.39 4.38 -20.14
N PHE C 49 29.43 3.65 -20.55
CA PHE C 49 29.26 2.24 -20.85
C PHE C 49 29.26 1.39 -19.57
N VAL C 50 30.26 1.58 -18.71
CA VAL C 50 30.43 0.75 -17.52
C VAL C 50 29.82 1.38 -16.29
N TYR C 51 30.17 2.64 -16.01
CA TYR C 51 29.70 3.28 -14.78
C TYR C 51 28.19 3.51 -14.83
N GLU C 52 27.66 3.87 -15.99
CA GLU C 52 26.24 4.14 -16.15
C GLU C 52 25.47 2.95 -16.72
N LYS C 53 26.15 1.90 -17.14
CA LYS C 53 25.53 0.73 -17.74
C LYS C 53 24.64 1.12 -18.92
N GLY C 54 25.25 1.81 -19.89
CA GLY C 54 24.49 2.29 -21.03
C GLY C 54 24.02 1.18 -21.95
N TYR C 55 24.88 0.17 -22.15
CA TYR C 55 24.51 -0.93 -23.04
C TYR C 55 23.41 -1.79 -22.42
N GLN C 56 23.29 -1.77 -21.10
CA GLN C 56 22.22 -2.50 -20.43
C GLN C 56 20.93 -1.68 -20.42
N THR C 57 19.80 -2.37 -20.42
CA THR C 57 18.49 -1.76 -20.33
C THR C 57 17.88 -2.03 -18.96
N SER C 58 17.07 -1.09 -18.49
CA SER C 58 16.49 -1.17 -17.16
C SER C 58 14.97 -1.10 -17.26
N SER C 59 14.30 -1.76 -16.31
CA SER C 59 12.85 -1.79 -16.26
C SER C 59 12.41 -2.01 -14.82
N GLY C 60 11.12 -1.73 -14.57
CA GLY C 60 10.59 -1.91 -13.24
C GLY C 60 10.23 -3.35 -12.94
N LEU C 61 10.08 -3.63 -11.64
CA LEU C 61 9.75 -4.96 -11.16
C LEU C 61 8.41 -4.95 -10.44
N ILE C 62 7.90 -6.16 -10.19
CA ILE C 62 6.66 -6.36 -9.46
C ILE C 62 7.02 -7.09 -8.17
N SER C 63 6.82 -6.43 -7.03
CA SER C 63 7.22 -6.96 -5.74
C SER C 63 6.02 -7.10 -4.82
N SER C 64 5.97 -8.22 -4.10
CA SER C 64 4.95 -8.47 -3.09
C SER C 64 5.63 -8.85 -1.79
N VAL C 65 5.26 -8.18 -0.71
CA VAL C 65 5.90 -8.34 0.59
C VAL C 65 5.07 -9.30 1.44
N SER C 66 5.72 -10.34 1.95
CA SER C 66 5.11 -11.30 2.85
C SER C 66 5.92 -11.37 4.13
N VAL C 67 5.33 -10.94 5.24
CA VAL C 67 6.01 -10.89 6.53
C VAL C 67 5.32 -11.87 7.48
N LYS C 68 6.12 -12.50 8.33
CA LYS C 68 5.60 -13.44 9.32
C LYS C 68 6.56 -13.48 10.50
N LEU C 69 6.04 -13.27 11.70
CA LEU C 69 6.83 -13.25 12.92
C LEU C 69 6.52 -14.47 13.77
N LYS C 70 7.53 -14.98 14.46
CA LYS C 70 7.39 -16.10 15.38
C LYS C 70 7.89 -15.67 16.75
N GLY C 71 6.97 -15.43 17.67
CA GLY C 71 7.32 -15.01 19.02
C GLY C 71 6.13 -15.00 19.95
N LEU C 72 6.38 -15.21 21.24
CA LEU C 72 5.33 -15.25 22.25
C LEU C 72 5.77 -14.44 23.46
N ALA C 73 4.90 -13.52 23.90
CA ALA C 73 5.17 -12.68 25.05
C ALA C 73 3.96 -12.71 25.97
N VAL C 74 4.20 -12.90 27.27
CA VAL C 74 3.15 -12.97 28.26
C VAL C 74 3.18 -11.68 29.07
N THR C 75 2.07 -10.96 29.08
CA THR C 75 1.93 -9.70 29.81
C THR C 75 0.99 -9.91 30.98
N GLN C 76 1.53 -9.78 32.20
CA GLN C 76 0.74 -9.94 33.42
C GLN C 76 0.28 -8.55 33.86
N LEU C 77 -0.89 -8.14 33.36
CA LEU C 77 -1.45 -6.84 33.70
C LEU C 77 -2.06 -6.86 35.09
N GLN C 78 -1.97 -5.73 35.77
CA GLN C 78 -2.54 -5.61 37.12
C GLN C 78 -4.05 -5.74 37.06
N GLY C 79 -4.60 -6.62 37.91
CA GLY C 79 -6.03 -6.86 37.94
C GLY C 79 -6.54 -7.89 36.96
N LEU C 80 -5.69 -8.37 36.06
CA LEU C 80 -6.08 -9.37 35.07
C LEU C 80 -5.09 -10.53 35.11
N GLY C 81 -5.54 -11.67 34.60
CA GLY C 81 -4.71 -12.86 34.54
C GLY C 81 -3.63 -12.75 33.49
N PRO C 82 -2.76 -13.75 33.41
CA PRO C 82 -1.71 -13.75 32.40
C PRO C 82 -2.30 -13.81 31.00
N GLN C 83 -1.82 -12.91 30.13
CA GLN C 83 -2.33 -12.77 28.77
C GLN C 83 -1.24 -13.21 27.80
N VAL C 84 -1.55 -14.21 26.98
CA VAL C 84 -0.61 -14.77 26.01
C VAL C 84 -0.83 -14.08 24.67
N TRP C 85 0.25 -13.64 24.05
CA TRP C 85 0.19 -12.96 22.76
C TRP C 85 1.03 -13.72 21.75
N ASP C 86 0.45 -14.00 20.59
CA ASP C 86 1.15 -14.74 19.54
C ASP C 86 1.10 -13.97 18.22
N VAL C 87 1.56 -14.61 17.14
CA VAL C 87 1.64 -13.94 15.84
C VAL C 87 0.28 -13.40 15.41
N ALA C 88 -0.81 -14.10 15.76
CA ALA C 88 -2.14 -13.62 15.44
C ALA C 88 -2.59 -12.46 16.31
N ASP C 89 -1.80 -12.10 17.34
CA ASP C 89 -2.19 -11.05 18.27
C ASP C 89 -1.49 -9.73 17.99
N TYR C 90 -0.15 -9.71 18.00
CA TYR C 90 0.56 -8.45 17.84
C TYR C 90 0.68 -8.03 16.39
N VAL C 91 0.57 -8.97 15.44
CA VAL C 91 0.55 -8.63 14.03
C VAL C 91 -0.91 -8.33 13.66
N PHE C 92 -1.23 -7.05 13.54
CA PHE C 92 -2.60 -6.62 13.25
C PHE C 92 -3.01 -6.92 11.82
N PRO C 93 -2.14 -6.69 10.80
CA PRO C 93 -2.49 -7.16 9.45
C PRO C 93 -2.44 -8.67 9.37
N ALA C 94 -3.61 -9.30 9.30
CA ALA C 94 -3.69 -10.76 9.30
C ALA C 94 -3.22 -11.34 7.98
N HIS C 95 -3.71 -10.80 6.86
CA HIS C 95 -3.33 -11.33 5.55
C HIS C 95 -1.84 -11.09 5.26
N GLY C 96 -1.29 -9.98 5.72
CA GLY C 96 0.10 -9.68 5.47
C GLY C 96 0.30 -8.55 4.48
N ASP C 97 0.96 -7.48 4.91
CA ASP C 97 1.19 -6.32 4.06
C ASP C 97 2.58 -5.76 4.35
N SER C 98 3.06 -4.90 3.45
CA SER C 98 4.35 -4.27 3.65
C SER C 98 4.35 -3.37 4.88
N SER C 99 3.21 -2.74 5.17
CA SER C 99 3.07 -1.87 6.33
C SER C 99 2.32 -2.63 7.41
N PHE C 100 3.03 -2.98 8.49
CA PHE C 100 2.45 -3.73 9.60
C PHE C 100 2.97 -3.15 10.91
N VAL C 101 2.18 -3.34 11.96
CA VAL C 101 2.49 -2.85 13.30
C VAL C 101 2.74 -4.03 14.22
N VAL C 102 3.76 -3.92 15.05
CA VAL C 102 4.10 -4.94 16.05
C VAL C 102 3.77 -4.36 17.42
N MET C 103 2.82 -4.98 18.11
CA MET C 103 2.37 -4.48 19.39
C MET C 103 3.47 -4.63 20.44
N THR C 104 3.75 -3.53 21.14
CA THR C 104 4.72 -3.52 22.22
C THR C 104 4.15 -3.07 23.56
N ASN C 105 3.15 -2.19 23.56
CA ASN C 105 2.50 -1.74 24.78
C ASN C 105 1.06 -1.38 24.47
N PHE C 106 0.17 -1.65 25.42
CA PHE C 106 -1.25 -1.43 25.21
C PHE C 106 -1.91 -1.03 26.52
N ILE C 107 -3.06 -0.39 26.40
CA ILE C 107 -3.90 -0.01 27.53
C ILE C 107 -5.24 -0.72 27.37
N MET C 108 -5.56 -1.61 28.30
CA MET C 108 -6.73 -2.47 28.19
C MET C 108 -7.88 -1.89 29.00
N THR C 109 -9.02 -1.69 28.33
CA THR C 109 -10.27 -1.28 28.98
C THR C 109 -11.32 -2.35 28.73
N PRO C 110 -11.49 -3.32 29.63
CA PRO C 110 -12.39 -4.44 29.37
C PRO C 110 -13.83 -4.15 29.74
N GLN C 111 -14.72 -4.96 29.15
CA GLN C 111 -16.16 -4.92 29.44
C GLN C 111 -16.76 -3.55 29.10
N GLN C 112 -16.49 -3.10 27.88
CA GLN C 112 -17.07 -1.85 27.40
C GLN C 112 -18.46 -2.09 26.85
N ALA C 113 -19.42 -1.27 27.29
CA ALA C 113 -20.80 -1.39 26.85
C ALA C 113 -21.40 -0.01 26.69
N GLN C 114 -22.30 0.12 25.73
CA GLN C 114 -22.95 1.40 25.46
C GLN C 114 -23.90 1.76 26.60
N GLY C 115 -23.76 2.96 27.13
CA GLY C 115 -24.60 3.38 28.24
C GLY C 115 -24.37 4.85 28.56
N HIS C 116 -24.86 5.24 29.73
CA HIS C 116 -24.76 6.62 30.21
C HIS C 116 -23.76 6.65 31.36
N CYS C 117 -22.54 7.12 31.08
CA CYS C 117 -21.49 7.21 32.08
C CYS C 117 -20.74 8.52 31.92
N ALA C 118 -19.92 8.85 32.92
CA ALA C 118 -19.12 10.06 32.87
C ALA C 118 -18.05 9.96 31.80
N GLU C 119 -17.62 11.12 31.30
CA GLU C 119 -16.61 11.19 30.26
C GLU C 119 -15.23 11.45 30.86
N ASN C 120 -14.23 11.60 30.00
CA ASN C 120 -12.88 11.88 30.47
C ASN C 120 -12.77 13.33 30.92
N PRO C 121 -11.91 13.61 31.91
CA PRO C 121 -11.75 15.00 32.36
C PRO C 121 -11.09 15.90 31.33
N GLU C 122 -10.30 15.36 30.40
CA GLU C 122 -9.68 16.18 29.38
C GLU C 122 -10.70 16.75 28.40
N GLY C 123 -11.84 16.07 28.23
CA GLY C 123 -12.87 16.58 27.34
C GLY C 123 -13.58 17.80 27.92
N GLY C 124 -13.99 17.71 29.17
CA GLY C 124 -14.66 18.81 29.83
C GLY C 124 -14.86 18.60 31.31
N ILE C 125 -14.88 19.69 32.08
CA ILE C 125 -15.06 19.65 33.52
C ILE C 125 -16.24 20.55 33.87
N CYS C 126 -17.19 20.00 34.65
CA CYS C 126 -18.39 20.73 35.04
C CYS C 126 -18.52 20.74 36.56
N GLN C 127 -19.02 21.85 37.09
CA GLN C 127 -19.28 21.99 38.51
C GLN C 127 -20.76 21.97 38.85
N ASP C 128 -21.63 22.06 37.85
CA ASP C 128 -23.07 22.05 38.07
C ASP C 128 -23.76 21.52 36.82
N ASP C 129 -25.03 21.14 36.98
CA ASP C 129 -25.78 20.59 35.86
C ASP C 129 -26.05 21.64 34.79
N SER C 130 -26.08 22.93 35.17
CA SER C 130 -26.33 23.98 34.20
C SER C 130 -25.14 24.20 33.28
N GLY C 131 -23.95 23.75 33.66
CA GLY C 131 -22.79 23.95 32.81
C GLY C 131 -22.81 23.09 31.56
N CYS C 132 -23.28 21.85 31.69
CA CYS C 132 -23.32 20.95 30.54
C CYS C 132 -24.44 21.36 29.60
N THR C 133 -24.18 21.21 28.30
CA THR C 133 -25.14 21.56 27.27
C THR C 133 -25.55 20.31 26.49
N PRO C 134 -26.85 20.06 26.30
CA PRO C 134 -27.26 18.88 25.54
C PRO C 134 -26.83 18.97 24.08
N GLY C 135 -26.32 17.87 23.57
CA GLY C 135 -25.86 17.79 22.20
C GLY C 135 -24.57 17.02 22.12
N LYS C 136 -23.82 17.25 21.05
CA LYS C 136 -22.55 16.60 20.81
C LYS C 136 -21.44 17.64 20.76
N ALA C 137 -20.28 17.29 21.28
CA ALA C 137 -19.14 18.20 21.26
C ALA C 137 -18.67 18.43 19.83
N GLU C 138 -18.26 19.67 19.54
CA GLU C 138 -17.82 20.01 18.19
C GLU C 138 -16.48 19.38 17.87
N ARG C 139 -15.55 19.39 18.83
CA ARG C 139 -14.22 18.83 18.65
C ARG C 139 -13.94 17.82 19.75
N LYS C 140 -13.36 16.68 19.37
CA LYS C 140 -13.03 15.61 20.30
C LYS C 140 -14.27 15.14 21.06
N ALA C 141 -15.30 14.78 20.31
CA ALA C 141 -16.57 14.34 20.90
C ALA C 141 -16.42 12.91 21.40
N GLN C 142 -16.43 12.74 22.72
CA GLN C 142 -16.34 11.41 23.30
C GLN C 142 -17.69 10.71 23.32
N GLY C 143 -18.76 11.44 23.62
CA GLY C 143 -20.09 10.87 23.65
C GLY C 143 -21.14 11.94 23.59
N ILE C 144 -22.36 11.51 23.29
CA ILE C 144 -23.50 12.43 23.20
C ILE C 144 -23.82 12.93 24.60
N ARG C 145 -23.55 14.22 24.84
CA ARG C 145 -23.78 14.80 26.17
C ARG C 145 -25.28 14.96 26.40
N THR C 146 -25.79 14.29 27.43
CA THR C 146 -27.22 14.41 27.76
C THR C 146 -27.55 15.76 28.35
N GLY C 147 -26.63 16.35 29.12
CA GLY C 147 -26.84 17.63 29.74
C GLY C 147 -26.81 17.64 31.26
N ASN C 148 -26.41 16.54 31.89
CA ASN C 148 -26.32 16.44 33.34
C ASN C 148 -24.87 16.26 33.77
N CYS C 149 -24.47 16.98 34.81
CA CYS C 149 -23.12 16.90 35.34
C CYS C 149 -23.06 15.81 36.41
N VAL C 150 -22.34 14.72 36.12
CA VAL C 150 -22.23 13.60 37.04
C VAL C 150 -20.80 13.54 37.59
N PRO C 151 -20.60 13.06 38.82
CA PRO C 151 -19.24 13.00 39.36
C PRO C 151 -18.44 11.87 38.72
N PHE C 152 -17.34 12.23 38.07
CA PHE C 152 -16.44 11.22 37.51
C PHE C 152 -15.77 10.43 38.62
N ASN C 153 -15.28 11.11 39.66
CA ASN C 153 -14.75 10.47 40.85
C ASN C 153 -14.99 11.38 42.04
N GLY C 154 -14.24 11.17 43.11
CA GLY C 154 -14.47 11.93 44.33
C GLY C 154 -14.17 13.41 44.20
N THR C 155 -13.20 13.77 43.36
CA THR C 155 -12.76 15.16 43.27
C THR C 155 -13.48 15.93 42.16
N VAL C 156 -13.33 15.49 40.92
CA VAL C 156 -13.82 16.24 39.77
C VAL C 156 -15.09 15.60 39.23
N LYS C 157 -15.83 16.38 38.45
CA LYS C 157 -17.07 15.93 37.83
C LYS C 157 -17.04 16.25 36.34
N THR C 158 -17.55 15.33 35.53
CA THR C 158 -17.59 15.49 34.09
C THR C 158 -19.01 15.28 33.59
N CYS C 159 -19.32 15.91 32.46
CA CYS C 159 -20.66 15.82 31.90
C CYS C 159 -20.97 14.41 31.44
N GLU C 160 -22.18 13.95 31.73
CA GLU C 160 -22.58 12.59 31.37
C GLU C 160 -22.77 12.48 29.87
N ILE C 161 -22.24 11.41 29.28
CA ILE C 161 -22.30 11.17 27.85
C ILE C 161 -22.97 9.83 27.60
N PHE C 162 -23.29 9.58 26.33
CA PHE C 162 -23.91 8.33 25.89
C PHE C 162 -22.92 7.63 24.96
N GLY C 163 -22.14 6.71 25.51
CA GLY C 163 -21.17 5.98 24.72
C GLY C 163 -20.75 4.71 25.43
N TRP C 164 -19.64 4.15 24.96
CA TRP C 164 -19.11 2.94 25.58
C TRP C 164 -18.63 3.21 27.00
N CYS C 165 -19.07 2.37 27.93
CA CYS C 165 -18.76 2.53 29.34
C CYS C 165 -17.99 1.30 29.83
N PRO C 166 -16.88 1.47 30.55
CA PRO C 166 -16.33 2.77 30.97
C PRO C 166 -15.56 3.48 29.86
N VAL C 167 -14.90 4.57 30.21
CA VAL C 167 -14.15 5.40 29.27
C VAL C 167 -12.67 5.08 29.41
N GLU C 168 -11.97 5.08 28.27
CA GLU C 168 -10.54 4.79 28.27
C GLU C 168 -9.75 5.96 28.86
N VAL C 169 -8.81 5.65 29.75
CA VAL C 169 -7.95 6.64 30.38
C VAL C 169 -6.57 6.52 29.77
N ASP C 170 -5.94 7.66 29.45
CA ASP C 170 -4.63 7.69 28.83
C ASP C 170 -3.65 8.57 29.59
N ASP C 171 -3.96 8.96 30.83
CA ASP C 171 -3.06 9.80 31.59
C ASP C 171 -1.86 9.02 32.13
N LYS C 172 -2.05 7.74 32.46
CA LYS C 172 -1.00 6.91 33.01
C LYS C 172 -0.55 5.92 31.94
N ILE C 173 0.74 5.94 31.62
CA ILE C 173 1.35 5.03 30.66
C ILE C 173 2.35 4.17 31.41
N PRO C 174 2.27 2.84 31.32
CA PRO C 174 3.23 1.99 32.04
C PRO C 174 4.65 2.20 31.53
N SER C 175 5.54 2.61 32.44
CA SER C 175 6.94 2.81 32.05
C SER C 175 7.63 1.51 31.64
N PRO C 176 7.51 0.40 32.37
CA PRO C 176 8.06 -0.87 31.85
C PRO C 176 7.22 -1.38 30.71
N ALA C 177 7.88 -1.77 29.61
CA ALA C 177 7.17 -2.28 28.45
C ALA C 177 6.49 -3.60 28.77
N LEU C 178 5.20 -3.69 28.43
CA LEU C 178 4.46 -4.93 28.68
C LEU C 178 5.01 -6.07 27.83
N LEU C 179 5.09 -5.86 26.52
CA LEU C 179 5.66 -6.85 25.60
C LEU C 179 7.15 -6.62 25.40
N HIS C 180 7.89 -6.54 26.51
CA HIS C 180 9.34 -6.34 26.42
C HIS C 180 10.06 -7.56 25.87
N GLU C 181 9.43 -8.74 25.93
CA GLU C 181 10.03 -9.93 25.34
C GLU C 181 10.08 -9.87 23.83
N ALA C 182 9.28 -9.00 23.21
CA ALA C 182 9.23 -8.89 21.76
C ALA C 182 10.42 -8.14 21.17
N GLU C 183 11.44 -7.83 21.98
CA GLU C 183 12.60 -7.11 21.46
C GLU C 183 13.42 -7.99 20.52
N ASN C 184 13.72 -9.20 20.94
CA ASN C 184 14.58 -10.11 20.17
C ASN C 184 13.79 -11.20 19.47
N PHE C 185 12.59 -10.88 18.98
CA PHE C 185 11.82 -11.84 18.22
C PHE C 185 12.41 -12.01 16.82
N THR C 186 11.90 -13.00 16.09
CA THR C 186 12.37 -13.31 14.75
C THR C 186 11.37 -12.80 13.72
N LEU C 187 11.86 -12.04 12.75
CA LEU C 187 11.05 -11.49 11.67
C LEU C 187 11.52 -12.07 10.35
N PHE C 188 10.61 -12.68 9.61
CA PHE C 188 10.89 -13.26 8.30
C PHE C 188 10.14 -12.49 7.23
N ILE C 189 10.86 -12.03 6.21
CA ILE C 189 10.29 -11.27 5.11
C ILE C 189 10.45 -12.10 3.84
N LYS C 190 9.32 -12.40 3.20
CA LYS C 190 9.30 -13.17 1.94
C LYS C 190 8.92 -12.21 0.82
N ASN C 191 9.87 -11.91 -0.06
CA ASN C 191 9.66 -11.00 -1.17
C ASN C 191 10.00 -11.69 -2.47
N SER C 192 9.05 -11.65 -3.41
CA SER C 192 9.23 -12.24 -4.74
C SER C 192 9.13 -11.13 -5.77
N ILE C 193 10.22 -10.93 -6.52
CA ILE C 193 10.28 -9.89 -7.54
C ILE C 193 10.42 -10.54 -8.91
N SER C 194 9.85 -9.89 -9.92
CA SER C 194 9.89 -10.40 -11.28
C SER C 194 9.95 -9.24 -12.25
N PHE C 195 10.75 -9.38 -13.30
CA PHE C 195 10.88 -8.35 -14.33
C PHE C 195 10.12 -8.79 -15.58
N PRO C 196 9.03 -8.13 -15.94
CA PRO C 196 8.30 -8.52 -17.16
C PRO C 196 9.07 -8.26 -18.44
N ARG C 197 10.03 -7.33 -18.42
CA ARG C 197 10.82 -7.06 -19.62
C ARG C 197 11.75 -8.22 -19.94
N PHE C 198 12.34 -8.85 -18.93
CA PHE C 198 13.29 -9.93 -19.12
C PHE C 198 12.72 -11.31 -18.79
N LYS C 199 11.51 -11.37 -18.23
CA LYS C 199 10.87 -12.64 -17.88
C LYS C 199 11.74 -13.46 -16.92
N VAL C 200 12.27 -12.78 -15.90
CA VAL C 200 13.10 -13.40 -14.88
C VAL C 200 12.44 -13.18 -13.52
N ASN C 201 12.28 -14.26 -12.76
CA ASN C 201 11.68 -14.21 -11.44
C ASN C 201 12.71 -14.57 -10.39
N ARG C 202 12.89 -13.70 -9.40
CA ARG C 202 13.84 -13.93 -8.31
C ARG C 202 13.13 -13.76 -6.97
N ARG C 203 13.68 -14.40 -5.96
CA ARG C 203 13.14 -14.36 -4.60
C ARG C 203 14.26 -14.03 -3.63
N ASN C 204 13.88 -13.47 -2.48
CA ASN C 204 14.86 -13.12 -1.46
C ASN C 204 15.61 -14.36 -0.95
N LEU C 205 14.98 -15.52 -1.02
CA LEU C 205 15.62 -16.77 -0.63
C LEU C 205 16.55 -17.21 -1.76
N VAL C 206 17.80 -16.78 -1.68
CA VAL C 206 18.79 -17.07 -2.71
C VAL C 206 19.22 -18.53 -2.63
N GLU C 207 19.93 -19.00 -3.65
CA GLU C 207 20.38 -20.39 -3.66
C GLU C 207 21.38 -20.67 -2.54
N GLU C 208 22.09 -19.64 -2.08
CA GLU C 208 23.04 -19.83 -0.99
C GLU C 208 22.32 -20.17 0.31
N VAL C 209 21.10 -19.68 0.49
CA VAL C 209 20.33 -19.96 1.70
C VAL C 209 19.60 -21.28 1.52
N ASN C 210 19.73 -22.17 2.51
CA ASN C 210 19.10 -23.47 2.50
C ASN C 210 18.13 -23.59 3.67
N GLY C 211 17.51 -24.77 3.79
CA GLY C 211 16.55 -24.98 4.85
C GLY C 211 17.19 -25.01 6.23
N THR C 212 18.32 -25.69 6.36
CA THR C 212 19.02 -25.75 7.64
C THR C 212 19.67 -24.44 8.02
N TYR C 213 19.91 -23.55 7.04
CA TYR C 213 20.53 -22.26 7.34
C TYR C 213 19.58 -21.35 8.09
N MET C 214 18.31 -21.30 7.67
CA MET C 214 17.34 -20.41 8.30
C MET C 214 16.97 -20.85 9.72
N LYS C 215 17.34 -22.07 10.11
CA LYS C 215 16.94 -22.57 11.42
C LYS C 215 17.74 -21.92 12.54
N LYS C 216 19.01 -21.58 12.28
CA LYS C 216 19.88 -21.05 13.31
C LYS C 216 20.48 -19.69 12.99
N CYS C 217 20.28 -19.15 11.79
CA CYS C 217 20.92 -17.90 11.41
C CYS C 217 20.14 -16.71 11.94
N LEU C 218 20.85 -15.61 12.16
CA LEU C 218 20.27 -14.32 12.51
C LEU C 218 20.85 -13.25 11.60
N TYR C 219 19.99 -12.34 11.14
CA TYR C 219 20.43 -11.35 10.16
C TYR C 219 21.46 -10.40 10.77
N HIS C 220 22.49 -10.10 9.99
CA HIS C 220 23.52 -9.15 10.38
C HIS C 220 24.06 -8.47 9.13
N LYS C 221 24.63 -7.28 9.31
CA LYS C 221 25.14 -6.52 8.18
C LYS C 221 26.36 -7.20 7.56
N ILE C 222 27.21 -7.81 8.37
CA ILE C 222 28.44 -8.43 7.90
C ILE C 222 28.42 -9.94 8.07
N LEU C 223 27.88 -10.43 9.19
CA LEU C 223 27.92 -11.87 9.46
C LEU C 223 26.99 -12.64 8.53
N HIS C 224 25.70 -12.33 8.57
CA HIS C 224 24.69 -13.04 7.79
C HIS C 224 23.83 -12.03 7.04
N PRO C 225 24.31 -11.56 5.88
CA PRO C 225 23.48 -10.64 5.09
C PRO C 225 22.34 -11.32 4.36
N LEU C 226 22.50 -12.60 4.00
CA LEU C 226 21.47 -13.31 3.25
C LEU C 226 20.44 -14.00 4.14
N CYS C 227 20.69 -14.06 5.45
CA CYS C 227 19.75 -14.69 6.37
C CYS C 227 18.45 -13.89 6.43
N PRO C 228 17.30 -14.48 6.08
CA PRO C 228 16.04 -13.74 6.11
C PRO C 228 15.39 -13.65 7.48
N VAL C 229 16.07 -14.08 8.54
CA VAL C 229 15.53 -14.03 9.89
C VAL C 229 16.04 -12.74 10.53
N PHE C 230 15.18 -11.73 10.56
CA PHE C 230 15.52 -10.41 11.09
C PHE C 230 15.10 -10.33 12.56
N SER C 231 16.00 -9.81 13.39
CA SER C 231 15.68 -9.57 14.79
C SER C 231 15.08 -8.18 14.94
N LEU C 232 13.96 -8.09 15.68
CA LEU C 232 13.29 -6.81 15.84
C LEU C 232 14.17 -5.78 16.55
N GLY C 233 14.81 -6.19 17.63
CA GLY C 233 15.71 -5.28 18.33
C GLY C 233 16.88 -4.85 17.48
N TYR C 234 17.42 -5.78 16.68
CA TYR C 234 18.52 -5.44 15.78
C TYR C 234 18.06 -4.44 14.72
N VAL C 235 16.87 -4.64 14.16
CA VAL C 235 16.35 -3.71 13.16
C VAL C 235 16.13 -2.33 13.79
N VAL C 236 15.62 -2.29 15.01
CA VAL C 236 15.37 -1.01 15.66
C VAL C 236 16.68 -0.30 15.98
N ARG C 237 17.70 -1.04 16.44
CA ARG C 237 18.96 -0.41 16.82
C ARG C 237 19.76 0.02 15.60
N GLU C 238 19.66 -0.72 14.49
CA GLU C 238 20.40 -0.33 13.29
C GLU C 238 19.83 0.93 12.66
N SER C 239 18.53 1.18 12.83
CA SER C 239 17.93 2.40 12.28
C SER C 239 18.33 3.65 13.04
N GLY C 240 18.87 3.50 14.25
CA GLY C 240 19.26 4.63 15.06
C GLY C 240 18.32 4.99 16.18
N GLN C 241 17.42 4.09 16.57
CA GLN C 241 16.44 4.33 17.61
C GLN C 241 16.55 3.29 18.70
N ASP C 242 16.26 3.69 19.94
CA ASP C 242 16.25 2.78 21.07
C ASP C 242 14.92 2.03 21.12
N PHE C 243 14.99 0.73 21.40
CA PHE C 243 13.77 -0.07 21.43
C PHE C 243 12.91 0.23 22.64
N ARG C 244 13.52 0.70 23.73
CA ARG C 244 12.75 0.97 24.95
C ARG C 244 11.78 2.12 24.74
N SER C 245 12.25 3.22 24.13
CA SER C 245 11.37 4.35 23.87
C SER C 245 10.30 3.99 22.84
N LEU C 246 10.68 3.21 21.82
CA LEU C 246 9.72 2.80 20.80
C LEU C 246 8.69 1.83 21.35
N ALA C 247 9.01 1.15 22.45
CA ALA C 247 8.02 0.28 23.09
C ALA C 247 7.16 1.05 24.08
N GLU C 248 7.73 2.07 24.74
CA GLU C 248 6.96 2.85 25.70
C GLU C 248 5.99 3.80 25.01
N LYS C 249 6.50 4.65 24.13
CA LYS C 249 5.69 5.70 23.51
C LYS C 249 5.40 5.45 22.03
N GLY C 250 6.02 4.45 21.43
CA GLY C 250 5.78 4.16 20.03
C GLY C 250 6.89 4.67 19.13
N GLY C 251 6.88 4.19 17.89
CA GLY C 251 7.88 4.60 16.91
C GLY C 251 7.55 4.03 15.55
N VAL C 252 8.30 4.49 14.55
CA VAL C 252 8.15 4.06 13.18
C VAL C 252 9.52 3.71 12.63
N VAL C 253 9.64 2.54 12.02
CA VAL C 253 10.89 2.07 11.42
C VAL C 253 10.64 1.73 9.96
N GLY C 254 11.46 2.27 9.07
CA GLY C 254 11.32 2.01 7.65
C GLY C 254 12.39 1.09 7.11
N ILE C 255 11.98 0.01 6.46
CA ILE C 255 12.88 -0.98 5.89
C ILE C 255 12.75 -0.92 4.37
N THR C 256 13.88 -0.86 3.67
CA THR C 256 13.91 -0.79 2.22
C THR C 256 14.72 -1.97 1.69
N ILE C 257 14.18 -2.64 0.66
CA ILE C 257 14.83 -3.77 0.02
C ILE C 257 15.25 -3.33 -1.38
N ASP C 258 16.54 -3.47 -1.68
CA ASP C 258 17.09 -3.09 -2.98
C ASP C 258 17.40 -4.33 -3.78
N TRP C 259 17.09 -4.29 -5.08
CA TRP C 259 17.33 -5.42 -5.98
C TRP C 259 18.19 -5.02 -7.17
N GLU C 260 19.16 -4.13 -6.94
CA GLU C 260 20.09 -3.76 -8.00
C GLU C 260 20.99 -4.92 -8.35
N CYS C 261 20.92 -5.38 -9.61
CA CYS C 261 21.70 -6.52 -10.04
C CYS C 261 21.89 -6.44 -11.55
N ASP C 262 22.82 -7.26 -12.04
CA ASP C 262 23.16 -7.33 -13.46
C ASP C 262 22.79 -8.73 -13.97
N LEU C 263 21.94 -8.77 -15.00
CA LEU C 263 21.52 -10.04 -15.58
C LEU C 263 22.56 -10.64 -16.51
N ASP C 264 23.65 -9.92 -16.79
CA ASP C 264 24.71 -10.49 -17.62
C ASP C 264 25.40 -11.66 -16.93
N TRP C 265 25.52 -11.60 -15.60
CA TRP C 265 26.09 -12.70 -14.83
C TRP C 265 25.02 -13.75 -14.56
N HIS C 266 25.36 -14.73 -13.72
CA HIS C 266 24.41 -15.77 -13.37
C HIS C 266 23.37 -15.23 -12.39
N VAL C 267 22.25 -15.95 -12.29
CA VAL C 267 21.17 -15.52 -11.41
C VAL C 267 21.52 -15.70 -9.94
N ARG C 268 22.57 -16.46 -9.63
CA ARG C 268 22.96 -16.63 -8.23
C ARG C 268 23.63 -15.38 -7.67
N HIS C 269 24.18 -14.53 -8.53
CA HIS C 269 24.82 -13.31 -8.05
C HIS C 269 23.81 -12.30 -7.56
N CYS C 270 22.57 -12.39 -8.01
CA CYS C 270 21.52 -11.47 -7.57
C CYS C 270 21.22 -11.70 -6.09
N LYS C 271 21.53 -10.70 -5.26
CA LYS C 271 21.29 -10.79 -3.83
C LYS C 271 20.54 -9.55 -3.36
N PRO C 272 19.52 -9.73 -2.51
CA PRO C 272 18.77 -8.57 -2.01
C PRO C 272 19.56 -7.81 -0.96
N ILE C 273 19.42 -6.49 -0.98
CA ILE C 273 20.08 -5.60 -0.04
C ILE C 273 19.02 -5.01 0.88
N TYR C 274 19.18 -5.21 2.19
CA TYR C 274 18.24 -4.75 3.19
C TYR C 274 18.82 -3.53 3.89
N GLN C 275 18.09 -2.41 3.85
CA GLN C 275 18.49 -1.18 4.51
C GLN C 275 17.39 -0.73 5.46
N PHE C 276 17.77 -0.33 6.66
CA PHE C 276 16.84 0.08 7.70
C PHE C 276 16.95 1.58 7.93
N HIS C 277 15.82 2.27 7.92
CA HIS C 277 15.76 3.70 8.15
C HIS C 277 14.91 4.01 9.37
N GLY C 278 15.31 5.04 10.12
CA GLY C 278 14.61 5.42 11.32
C GLY C 278 13.74 6.64 11.08
N LEU C 279 12.43 6.47 11.28
CA LEU C 279 11.46 7.55 11.12
C LEU C 279 11.03 8.01 12.51
N TYR C 280 11.54 9.16 12.93
CA TYR C 280 11.24 9.70 14.25
C TYR C 280 10.92 11.18 14.13
N GLY C 281 10.22 11.70 15.14
CA GLY C 281 9.84 13.10 15.18
C GLY C 281 10.09 13.69 16.55
N GLU C 282 9.61 14.91 16.74
CA GLU C 282 9.75 15.61 18.01
C GLU C 282 8.94 14.91 19.09
N LYS C 283 9.62 14.51 20.17
CA LYS C 283 8.94 13.84 21.27
C LYS C 283 8.02 14.76 22.06
N ASN C 284 8.22 16.08 21.96
CA ASN C 284 7.39 17.00 22.72
C ASN C 284 5.98 17.09 22.17
N LEU C 285 5.81 16.90 20.86
CA LEU C 285 4.50 16.96 20.21
C LEU C 285 4.22 15.64 19.52
N SER C 286 3.22 14.91 20.03
CA SER C 286 2.79 13.62 19.49
C SER C 286 3.96 12.64 19.42
N PRO C 287 4.45 12.16 20.57
CA PRO C 287 5.58 11.22 20.55
C PRO C 287 5.12 9.81 20.16
N GLY C 288 5.81 9.24 19.17
CA GLY C 288 5.53 7.88 18.76
C GLY C 288 4.24 7.74 17.98
N PHE C 289 3.89 6.48 17.71
CA PHE C 289 2.70 6.12 16.96
C PHE C 289 1.80 5.22 17.82
N ASN C 290 0.50 5.46 17.75
CA ASN C 290 -0.45 4.68 18.52
C ASN C 290 -1.80 4.67 17.79
N PHE C 291 -2.65 3.72 18.19
CA PHE C 291 -3.98 3.59 17.61
C PHE C 291 -4.86 2.85 18.61
N ARG C 292 -6.15 2.76 18.26
CA ARG C 292 -7.14 2.09 19.10
C ARG C 292 -8.00 1.18 18.25
N PHE C 293 -8.12 -0.08 18.66
CA PHE C 293 -8.96 -1.06 17.98
C PHE C 293 -9.82 -1.78 19.01
N ALA C 294 -10.94 -2.31 18.54
CA ALA C 294 -11.91 -2.97 19.41
C ALA C 294 -12.24 -4.35 18.87
N ARG C 295 -12.46 -5.29 19.80
CA ARG C 295 -12.87 -6.65 19.46
C ARG C 295 -14.30 -6.85 19.95
N HIS C 296 -15.24 -6.89 19.00
CA HIS C 296 -16.66 -7.00 19.32
C HIS C 296 -17.03 -8.44 19.61
N PHE C 297 -17.73 -8.66 20.72
CA PHE C 297 -18.21 -9.99 21.09
C PHE C 297 -19.56 -9.85 21.79
N VAL C 298 -20.23 -10.98 21.97
CA VAL C 298 -21.53 -11.05 22.63
C VAL C 298 -21.39 -11.90 23.88
N GLN C 299 -21.58 -11.28 25.04
CA GLN C 299 -21.50 -11.97 26.32
C GLN C 299 -22.78 -11.71 27.11
N ASN C 300 -23.42 -12.79 27.56
CA ASN C 300 -24.66 -12.71 28.34
C ASN C 300 -25.76 -11.99 27.57
N GLY C 301 -25.80 -12.15 26.25
CA GLY C 301 -26.81 -11.52 25.44
C GLY C 301 -26.65 -10.02 25.25
N THR C 302 -25.54 -9.44 25.71
CA THR C 302 -25.29 -8.01 25.59
C THR C 302 -24.04 -7.80 24.76
N ASN C 303 -24.12 -6.87 23.80
CA ASN C 303 -22.98 -6.57 22.94
C ASN C 303 -21.92 -5.82 23.74
N ARG C 304 -20.72 -6.40 23.81
CA ARG C 304 -19.60 -5.82 24.53
C ARG C 304 -18.36 -5.82 23.64
N ARG C 305 -17.33 -5.12 24.09
CA ARG C 305 -16.10 -5.03 23.32
C ARG C 305 -14.94 -4.72 24.26
N HIS C 306 -13.72 -4.89 23.73
CA HIS C 306 -12.49 -4.60 24.45
C HIS C 306 -11.67 -3.64 23.61
N LEU C 307 -11.44 -2.43 24.13
CA LEU C 307 -10.69 -1.40 23.43
C LEU C 307 -9.26 -1.37 23.94
N PHE C 308 -8.31 -1.39 23.01
CA PHE C 308 -6.89 -1.39 23.34
C PHE C 308 -6.20 -0.23 22.64
N LYS C 309 -5.50 0.60 23.41
CA LYS C 309 -4.67 1.66 22.84
C LYS C 309 -3.26 1.11 22.70
N VAL C 310 -2.94 0.59 21.51
CA VAL C 310 -1.70 -0.13 21.26
C VAL C 310 -0.61 0.86 20.88
N PHE C 311 0.49 0.84 21.63
CA PHE C 311 1.68 1.62 21.30
C PHE C 311 2.67 0.65 20.66
N GLY C 312 2.68 0.59 19.33
CA GLY C 312 3.50 -0.36 18.62
C GLY C 312 4.35 0.32 17.58
N ILE C 313 5.39 -0.40 17.16
CA ILE C 313 6.33 0.10 16.15
C ILE C 313 5.76 -0.17 14.76
N ARG C 314 5.82 0.84 13.90
CA ARG C 314 5.31 0.75 12.54
C ARG C 314 6.46 0.37 11.61
N PHE C 315 6.31 -0.77 10.92
CA PHE C 315 7.31 -1.26 9.98
C PHE C 315 6.74 -1.17 8.57
N ASP C 316 7.45 -0.46 7.70
CA ASP C 316 7.06 -0.29 6.31
C ASP C 316 8.14 -0.86 5.41
N ILE C 317 7.72 -1.71 4.47
CA ILE C 317 8.63 -2.35 3.52
C ILE C 317 8.48 -1.68 2.16
N LEU C 318 9.58 -1.19 1.61
CA LEU C 318 9.60 -0.55 0.30
C LEU C 318 10.64 -1.25 -0.56
N VAL C 319 10.19 -1.86 -1.65
CA VAL C 319 11.05 -2.63 -2.55
C VAL C 319 11.20 -1.85 -3.85
N ASP C 320 12.44 -1.49 -4.19
CA ASP C 320 12.74 -0.78 -5.43
C ASP C 320 14.03 -1.33 -5.99
N GLY C 321 13.99 -1.80 -7.24
CA GLY C 321 15.16 -2.36 -7.87
C GLY C 321 15.01 -2.40 -9.37
N LYS C 322 16.14 -2.63 -10.05
CA LYS C 322 16.17 -2.70 -11.49
C LYS C 322 17.18 -3.76 -11.93
N ALA C 323 16.99 -4.29 -13.13
CA ALA C 323 17.86 -5.30 -13.70
C ALA C 323 18.38 -4.83 -15.05
N GLY C 324 19.61 -5.22 -15.36
CA GLY C 324 20.23 -4.82 -16.62
C GLY C 324 20.69 -5.99 -17.47
N LYS C 325 20.33 -5.97 -18.75
CA LYS C 325 20.73 -7.02 -19.68
C LYS C 325 21.22 -6.37 -20.97
N PHE C 326 22.19 -7.02 -21.62
CA PHE C 326 22.75 -6.50 -22.86
C PHE C 326 21.70 -6.49 -23.97
N ASP C 327 21.69 -5.41 -24.76
CA ASP C 327 20.76 -5.27 -25.86
C ASP C 327 21.40 -4.41 -26.94
N ILE C 328 20.95 -4.59 -28.18
CA ILE C 328 21.59 -3.92 -29.31
C ILE C 328 21.18 -2.45 -29.37
N ILE C 329 19.90 -2.16 -29.12
CA ILE C 329 19.42 -0.78 -29.26
C ILE C 329 20.06 0.15 -28.24
N PRO C 330 20.13 -0.17 -26.95
CA PRO C 330 20.86 0.73 -26.03
C PRO C 330 22.32 0.90 -26.40
N THR C 331 22.98 -0.16 -26.87
CA THR C 331 24.37 -0.04 -27.29
C THR C 331 24.51 0.93 -28.46
N MET C 332 23.61 0.83 -29.44
CA MET C 332 23.68 1.74 -30.59
C MET C 332 23.38 3.18 -30.17
N THR C 333 22.43 3.37 -29.26
CA THR C 333 22.13 4.72 -28.78
C THR C 333 23.33 5.30 -28.03
N THR C 334 24.00 4.49 -27.21
CA THR C 334 25.18 4.98 -26.49
C THR C 334 26.31 5.29 -27.46
N ILE C 335 26.47 4.48 -28.51
CA ILE C 335 27.49 4.77 -29.52
C ILE C 335 27.20 6.09 -30.21
N GLY C 336 25.95 6.32 -30.61
CA GLY C 336 25.60 7.57 -31.24
C GLY C 336 25.79 8.76 -30.31
N SER C 337 25.41 8.61 -29.04
CA SER C 337 25.60 9.69 -28.08
C SER C 337 27.08 10.00 -27.88
N GLY C 338 27.91 8.95 -27.81
CA GLY C 338 29.34 9.17 -27.68
C GLY C 338 29.95 9.86 -28.89
N ILE C 339 29.50 9.47 -30.09
CA ILE C 339 29.98 10.12 -31.30
C ILE C 339 29.57 11.59 -31.31
N GLY C 340 28.34 11.88 -30.91
CA GLY C 340 27.87 13.24 -30.87
C GLY C 340 28.67 14.09 -29.91
N ILE C 341 28.92 13.55 -28.72
CA ILE C 341 29.69 14.29 -27.72
C ILE C 341 31.09 14.55 -28.23
N PHE C 342 31.69 13.56 -28.88
CA PHE C 342 33.03 13.72 -29.40
C PHE C 342 33.06 14.83 -30.45
N GLY C 343 32.05 14.86 -31.32
CA GLY C 343 31.98 15.90 -32.32
C GLY C 343 31.83 17.28 -31.72
N VAL C 344 30.91 17.39 -30.77
CA VAL C 344 30.64 18.70 -30.15
C VAL C 344 31.82 19.16 -29.34
N ALA C 345 32.22 18.36 -28.35
CA ALA C 345 33.30 18.78 -27.49
C ALA C 345 34.55 18.96 -28.33
N THR C 346 34.80 18.03 -29.24
CA THR C 346 36.05 18.15 -30.00
C THR C 346 36.15 19.39 -30.89
N VAL C 347 35.08 19.74 -31.61
CA VAL C 347 35.10 20.99 -32.39
C VAL C 347 35.16 22.21 -31.47
N LEU C 348 34.57 22.10 -30.28
CA LEU C 348 34.61 23.19 -29.33
C LEU C 348 36.03 23.58 -28.98
N CYS C 349 36.23 24.79 -28.48
CA CYS C 349 37.58 25.32 -28.15
C CYS C 349 38.33 25.74 -29.41
N ASP C 350 37.66 25.75 -30.55
CA ASP C 350 38.30 26.25 -31.76
C ASP C 350 38.39 27.75 -31.65
N LEU C 351 37.34 28.39 -31.13
CA LEU C 351 37.37 29.83 -30.89
C LEU C 351 38.52 30.10 -29.95
N LEU C 352 38.83 29.14 -29.09
CA LEU C 352 39.96 29.28 -28.19
C LEU C 352 41.28 29.06 -28.92
N LEU C 353 41.34 28.16 -29.91
CA LEU C 353 42.59 28.05 -30.64
C LEU C 353 42.92 29.39 -31.26
N LEU C 354 41.90 30.12 -31.69
CA LEU C 354 42.09 31.43 -32.28
C LEU C 354 42.75 32.39 -31.31
N HIS C 355 42.39 32.30 -30.03
CA HIS C 355 42.96 33.18 -28.99
C HIS C 355 42.57 34.63 -29.24
PG ATP D . -24.48 -6.09 -4.56
O1G ATP D . -25.03 -6.51 -5.90
O2G ATP D . -23.82 -7.21 -3.79
O3G ATP D . -25.40 -5.23 -3.74
PB ATP D . -23.51 -3.69 -5.64
O1B ATP D . -24.72 -3.81 -6.53
O2B ATP D . -23.47 -2.61 -4.57
O3B ATP D . -23.25 -5.11 -4.93
PA ATP D . -22.05 -2.37 -7.64
O1A ATP D . -20.82 -1.56 -7.32
O2A ATP D . -23.40 -1.71 -7.82
O3A ATP D . -22.20 -3.55 -6.55
O5' ATP D . -21.77 -3.25 -8.97
C5' ATP D . -22.22 -2.82 -10.24
C4' ATP D . -22.58 -4.06 -11.06
O4' ATP D . -21.42 -4.88 -11.21
C3' ATP D . -23.64 -4.88 -10.35
O3' ATP D . -24.84 -4.89 -11.12
C2' ATP D . -23.07 -6.30 -10.27
O2' ATP D . -23.96 -7.22 -10.91
C1' ATP D . -21.75 -6.25 -11.00
N9 ATP D . -20.69 -6.90 -10.17
C8 ATP D . -19.94 -6.28 -9.24
N7 ATP D . -19.07 -7.16 -8.67
C5 ATP D . -19.26 -8.35 -9.24
C6 ATP D . -18.67 -9.71 -9.10
N6 ATP D . -17.68 -9.96 -8.21
N1 ATP D . -19.16 -10.69 -9.89
C2 ATP D . -20.14 -10.46 -10.78
N3 ATP D . -20.72 -9.25 -10.97
C4 ATP D . -20.33 -8.18 -10.24
C1 NAG E . -23.28 -3.51 -23.93
C2 NAG E . -24.05 -3.04 -25.16
C3 NAG E . -23.61 -3.84 -26.39
C4 NAG E . -22.10 -3.78 -26.56
C5 NAG E . -21.41 -4.22 -25.27
C6 NAG E . -19.91 -4.06 -25.33
C7 NAG E . -26.32 -2.14 -25.11
C8 NAG E . -27.78 -2.43 -24.85
N2 NAG E . -25.48 -3.16 -24.96
O3 NAG E . -24.25 -3.32 -27.55
O4 NAG E . -21.69 -4.63 -27.62
O5 NAG E . -21.86 -3.40 -24.17
O6 NAG E . -19.29 -5.24 -25.81
O7 NAG E . -25.93 -1.01 -25.43
C1 NAG F . 2.78 -38.86 18.17
C2 NAG F . 2.47 -39.86 17.07
C3 NAG F . 3.64 -39.98 16.11
C4 NAG F . 4.04 -38.61 15.59
C5 NAG F . 4.30 -37.66 16.74
C6 NAG F . 4.58 -36.25 16.30
C7 NAG F . 0.87 -41.65 17.63
C8 NAG F . 0.70 -43.00 18.25
N2 NAG F . 2.12 -41.15 17.63
O3 NAG F . 3.28 -40.83 15.02
O4 NAG F . 5.22 -38.71 14.80
O5 NAG F . 3.15 -37.60 17.59
O6 NAG F . 5.68 -36.20 15.39
O7 NAG F . -0.07 -41.02 17.16
C1 NAG G . -15.53 -23.70 -13.21
C2 NAG G . -15.75 -24.23 -11.78
C3 NAG G . -17.10 -24.91 -11.68
C4 NAG G . -18.21 -23.98 -12.15
C5 NAG G . -17.90 -23.47 -13.56
C6 NAG G . -18.90 -22.44 -14.04
C7 NAG G . -14.19 -25.21 -10.16
C8 NAG G . -13.10 -26.21 -9.94
N2 NAG G . -14.68 -25.15 -11.39
O3 NAG G . -17.34 -25.29 -10.33
O4 NAG G . -19.46 -24.67 -12.16
O5 NAG G . -16.61 -22.83 -13.56
O6 NAG G . -19.30 -22.71 -15.39
O7 NAG G . -14.61 -24.50 -9.25
PG ATP H . 4.66 -22.61 10.46
O1G ATP H . 6.01 -23.05 10.96
O2G ATP H . 3.96 -21.61 11.34
O3G ATP H . 3.78 -23.74 9.98
PB ATP H . 5.50 -22.53 7.79
O1B ATP H . 6.32 -23.74 8.21
O2B ATP H . 4.33 -22.70 6.85
O3B ATP H . 5.00 -21.78 9.12
PA ATP H . 7.40 -21.78 5.86
O1A ATP H . 7.05 -20.83 4.75
O2A ATP H . 7.36 -23.27 5.64
O3A ATP H . 6.49 -21.44 7.15
O5' ATP H . 8.86 -21.41 6.42
C5' ATP H . 10.03 -22.05 5.91
C4' ATP H . 11.06 -22.10 7.04
O4' ATP H . 11.37 -20.77 7.46
C3' ATP H . 10.52 -22.85 8.24
O3' ATP H . 11.26 -24.06 8.44
C2' ATP H . 10.71 -21.93 9.43
O2' ATP H . 11.50 -22.56 10.43
C1' ATP H . 11.42 -20.70 8.89
N9 ATP H . 10.73 -19.47 9.34
C8 ATP H . 9.75 -18.82 8.68
N7 ATP H . 9.33 -17.73 9.36
C5 ATP H . 10.05 -17.66 10.50
C6 ATP H . 10.11 -16.76 11.67
N6 ATP H . 9.29 -15.68 11.76
N1 ATP H . 11.01 -17.04 12.64
C2 ATP H . 11.82 -18.11 12.55
N3 ATP H . 11.82 -18.97 11.52
C4 ATP H . 10.96 -18.81 10.48
MG MG I . 5.36 -26.46 11.05
CA CA J . -1.16 -1.13 1.26
MG MG K . -28.28 -6.33 -5.09
C1 NAG L . 1.21 28.19 18.16
C2 NAG L . 1.98 29.40 18.71
C3 NAG L . 1.52 30.66 18.00
C4 NAG L . 1.63 30.51 16.49
C5 NAG L . 0.88 29.27 16.03
C6 NAG L . 1.05 28.98 14.56
C7 NAG L . 2.83 29.60 21.00
C8 NAG L . 2.47 29.72 22.44
N2 NAG L . 1.80 29.51 20.14
O3 NAG L . 2.33 31.77 18.43
O4 NAG L . 1.08 31.65 15.84
O5 NAG L . 1.38 28.11 16.74
O6 NAG L . 0.03 29.61 13.79
O7 NAG L . 4.00 29.59 20.62
C1 NAG M . -41.62 -9.85 -2.11
C2 NAG M . -42.31 -8.49 -2.07
C3 NAG M . -42.18 -7.79 -3.41
C4 NAG M . -40.72 -7.71 -3.84
C5 NAG M . -40.10 -9.11 -3.81
C6 NAG M . -38.62 -9.10 -4.12
C7 NAG M . -44.18 -8.26 -0.49
C8 NAG M . -45.64 -8.48 -0.28
N2 NAG M . -43.71 -8.62 -1.69
O3 NAG M . -42.73 -6.48 -3.33
O4 NAG M . -40.63 -7.19 -5.16
O5 NAG M . -40.24 -9.69 -2.51
O6 NAG M . -38.32 -8.23 -5.20
O7 NAG M . -43.45 -7.79 0.37
C1 NAG N . -20.52 20.58 11.22
C2 NAG N . -21.38 19.40 11.68
C3 NAG N . -22.06 19.72 13.01
C4 NAG N . -21.03 20.17 14.04
C5 NAG N . -20.20 21.32 13.49
C6 NAG N . -19.09 21.74 14.43
C7 NAG N . -22.73 17.77 10.43
C8 NAG N . -23.76 17.59 9.36
N2 NAG N . -22.36 19.03 10.67
O3 NAG N . -22.76 18.57 13.47
O4 NAG N . -21.69 20.58 15.23
O5 NAG N . -19.57 20.93 12.26
O6 NAG N . -19.01 23.16 14.55
O7 NAG N . -22.27 16.82 11.05
CA CA O . -18.48 -13.80 21.04
PG ATP P . -5.54 10.02 23.00
O1G ATP P . -5.91 11.48 23.14
O2G ATP P . -6.66 9.13 22.57
O3G ATP P . -4.71 9.49 24.14
PB ATP P . -3.02 10.53 21.93
O1B ATP P . -3.03 11.69 22.89
O2B ATP P . -2.12 9.34 22.20
O3B ATP P . -4.52 10.01 21.75
PA ATP P . -1.29 11.87 20.17
O1A ATP P . -0.52 11.13 19.10
O2A ATP P . -0.65 12.21 21.50
O3A ATP P . -2.67 11.09 20.45
O5' ATP P . -1.85 13.25 19.55
C5' ATP P . -1.13 14.46 19.68
C4' ATP P . -2.14 15.61 19.73
O4' ATP P . -2.87 15.66 18.50
C3' ATP P . -3.14 15.39 20.85
O3' ATP P . -2.98 16.38 21.86
C2' ATP P . -4.52 15.51 20.21
O2' ATP P . -5.26 16.53 20.86
C1' ATP P . -4.26 15.87 18.76
N9 ATP P . -5.06 14.99 17.88
C8 ATP P . -4.65 13.80 17.36
N7 ATP P . -5.62 13.25 16.59
C5 ATP P . -6.67 14.08 16.59
C6 ATP P . -8.02 14.09 15.99
N6 ATP P . -8.43 13.08 15.19
N1 ATP P . -8.82 15.15 16.24
C2 ATP P . -8.41 16.18 17.02
N3 ATP P . -7.20 16.22 17.61
C4 ATP P . -6.30 15.22 17.44
MG MG Q . -5.51 11.10 26.16
C1 NAG R . 23.43 -23.67 4.18
C2 NAG R . 24.51 -24.59 3.60
C3 NAG R . 25.90 -24.08 3.97
C4 NAG R . 26.05 -22.61 3.55
C5 NAG R . 24.92 -21.78 4.14
C6 NAG R . 24.94 -20.34 3.67
C7 NAG R . 24.32 -27.01 3.24
C8 NAG R . 24.13 -28.35 3.88
N2 NAG R . 24.34 -25.96 4.05
O3 NAG R . 26.89 -24.86 3.32
O4 NAG R . 27.29 -22.10 4.03
O5 NAG R . 23.65 -22.32 3.74
O6 NAG R . 25.72 -19.52 4.54
O7 NAG R . 24.44 -26.89 2.02
C1 NAG S . -10.15 12.09 39.91
C2 NAG S . -8.89 11.89 40.75
C3 NAG S . -7.88 13.00 40.45
C4 NAG S . -7.61 13.08 38.95
C5 NAG S . -8.92 13.22 38.19
C6 NAG S . -8.73 13.20 36.69
C7 NAG S . -9.15 10.74 42.90
C8 NAG S . -9.50 10.88 44.36
N2 NAG S . -9.20 11.85 42.17
O3 NAG S . -6.67 12.74 41.16
O4 NAG S . -6.78 14.20 38.68
O5 NAG S . -9.80 12.15 38.52
O6 NAG S . -7.86 14.23 36.27
O7 NAG S . -8.82 9.65 42.41
C1 NAG T . 17.12 -11.14 23.64
C2 NAG T . 15.84 -11.21 24.49
C3 NAG T . 15.89 -12.42 25.42
C4 NAG T . 16.17 -13.69 24.64
C5 NAG T . 17.44 -13.52 23.79
C6 NAG T . 17.72 -14.71 22.89
C7 NAG T . 14.44 -9.47 25.50
C8 NAG T . 14.41 -8.20 26.29
N2 NAG T . 15.64 -9.99 25.24
O3 NAG T . 14.65 -12.54 26.11
O4 NAG T . 16.35 -14.78 25.52
O5 NAG T . 17.31 -12.38 22.93
O6 NAG T . 19.03 -15.23 23.11
O7 NAG T . 13.40 -10.00 25.09
#